data_5J6F
#
_entry.id   5J6F
#
_cell.length_a   95.438
_cell.length_b   95.438
_cell.length_c   167.452
_cell.angle_alpha   90.00
_cell.angle_beta   90.00
_cell.angle_gamma   120.00
#
_symmetry.space_group_name_H-M   'P 64'
#
loop_
_entity.id
_entity.type
_entity.pdbx_description
1 polymer '3-deoxy-D-arabino-heptulosonate 7-phosphate synthase, chorismate mutase-isozyme 3'
2 non-polymer 'MANGANESE (II) ION'
3 non-polymer 'SULFATE ION'
4 non-polymer 'PREPHENIC ACID'
#
_entity_poly.entity_id   1
_entity_poly.type   'polypeptide(L)'
_entity_poly.pdbx_seq_one_letter_code
;MGNERLDELRARVDEINLQLLKLINERGRLVQEIGKIKEAQGTHRYDPVRERKMLDLISEHNDGPFETSTLQHIFKEIFK
AALELQEDDHRKALLVSRKKHPENTIVEVKGERIGDGNQYFVMGPCAVESYEQVAAVAEAVKKQGIKLLRGGAYKPRTSP
YDFQGLGVEGLKILKRIADEFDLAVISEIVTPADIEIALDYIDVIQIGARNMQNFELLKAAGQVNKPILLKRGLAATIEE
FINAAEYIMSQGNGQIILCERGIRTYERATRNTLDISAVPILKKETHLPVFVDVTHSTGRRDLLIPCAKAALAIGADGVM
AEVHPDPAVALSDSAQQMDIAQFNEFMEEVRAFQRQFVRALEHHHHHH
;
_entity_poly.pdbx_strand_id   A,B
#
# COMPACT_ATOMS: atom_id res chain seq x y z
N ASN A 3 8.20 11.81 49.16
CA ASN A 3 8.16 13.21 48.62
C ASN A 3 6.87 14.01 48.87
N GLU A 4 6.75 14.55 50.11
CA GLU A 4 5.57 15.36 50.55
C GLU A 4 5.23 16.41 49.41
N ARG A 5 6.21 17.15 48.91
CA ARG A 5 5.88 18.23 47.95
C ARG A 5 5.52 17.86 46.54
N LEU A 6 5.97 16.70 46.12
CA LEU A 6 5.63 16.23 44.80
C LEU A 6 4.16 15.80 44.78
N ASP A 7 3.73 15.12 45.83
CA ASP A 7 2.35 14.68 45.95
C ASP A 7 1.44 15.90 45.89
N GLU A 8 1.74 16.86 46.74
CA GLU A 8 0.84 17.98 46.86
C GLU A 8 0.78 18.81 45.57
N LEU A 9 1.85 18.75 44.77
CA LEU A 9 1.86 19.42 43.45
C LEU A 9 1.04 18.67 42.40
N ARG A 10 1.19 17.37 42.42
CA ARG A 10 0.36 16.55 41.61
C ARG A 10 -1.11 16.71 41.96
N ALA A 11 -1.41 16.83 43.25
CA ALA A 11 -2.80 17.03 43.64
C ALA A 11 -3.41 18.17 42.84
N ARG A 12 -2.67 19.24 42.75
CA ARG A 12 -3.15 20.44 42.08
C ARG A 12 -3.19 20.29 40.57
N VAL A 13 -2.22 19.57 40.03
CA VAL A 13 -2.25 19.30 38.59
C VAL A 13 -3.54 18.56 38.23
N ASP A 14 -3.89 17.52 39.01
CA ASP A 14 -5.14 16.78 38.82
C ASP A 14 -6.32 17.71 38.79
N GLU A 15 -6.40 18.58 39.79
CA GLU A 15 -7.48 19.55 39.83
C GLU A 15 -7.55 20.34 38.51
N ILE A 16 -6.42 20.68 37.93
CA ILE A 16 -6.44 21.37 36.63
C ILE A 16 -6.90 20.46 35.50
N ASN A 17 -6.40 19.22 35.46
CA ASN A 17 -6.78 18.30 34.39
C ASN A 17 -8.31 18.24 34.30
N LEU A 18 -9.01 18.17 35.43
CA LEU A 18 -10.45 18.18 35.38
C LEU A 18 -10.95 19.49 34.81
N GLN A 19 -10.34 20.62 35.14
CA GLN A 19 -10.84 21.88 34.60
C GLN A 19 -10.68 21.90 33.12
N LEU A 20 -9.60 21.29 32.65
CA LEU A 20 -9.34 21.22 31.25
C LEU A 20 -10.38 20.36 30.61
N LEU A 21 -10.54 19.17 31.19
CA LEU A 21 -11.50 18.13 30.71
C LEU A 21 -12.85 18.74 30.46
N LYS A 22 -13.37 19.40 31.46
CA LYS A 22 -14.60 20.05 31.33
C LYS A 22 -14.62 21.09 30.19
N LEU A 23 -13.59 21.94 30.02
CA LEU A 23 -13.59 22.93 28.86
C LEU A 23 -13.45 22.28 27.49
N ILE A 24 -12.67 21.23 27.39
CA ILE A 24 -12.52 20.55 26.15
C ILE A 24 -13.88 20.00 25.71
N ASN A 25 -14.62 19.40 26.65
CA ASN A 25 -15.90 18.87 26.35
C ASN A 25 -16.91 19.94 26.03
N GLU A 26 -16.88 21.08 26.71
CA GLU A 26 -17.89 22.06 26.37
C GLU A 26 -17.66 22.56 24.98
N ARG A 27 -16.40 22.79 24.69
CA ARG A 27 -15.90 23.06 23.36
C ARG A 27 -16.39 22.09 22.33
N GLY A 28 -16.25 20.82 22.65
CA GLY A 28 -16.86 19.75 21.82
C GLY A 28 -18.30 19.98 21.43
N ARG A 29 -19.12 20.25 22.43
CA ARG A 29 -20.52 20.53 22.20
C ARG A 29 -20.75 21.68 21.26
N LEU A 30 -20.05 22.77 21.45
CA LEU A 30 -20.20 23.93 20.54
C LEU A 30 -19.79 23.59 19.17
N VAL A 31 -18.76 22.79 19.06
CA VAL A 31 -18.36 22.33 17.79
C VAL A 31 -19.44 21.48 17.11
N GLN A 32 -20.16 20.69 17.86
CA GLN A 32 -21.19 19.91 17.28
C GLN A 32 -22.24 20.85 16.74
N GLU A 33 -22.60 21.84 17.52
CA GLU A 33 -23.59 22.81 17.11
C GLU A 33 -23.17 23.42 15.75
N ILE A 34 -21.90 23.70 15.61
CA ILE A 34 -21.41 24.29 14.37
C ILE A 34 -21.50 23.31 13.22
N GLY A 35 -21.16 22.07 13.48
CA GLY A 35 -21.27 21.04 12.47
C GLY A 35 -22.66 20.91 11.92
N LYS A 36 -23.64 21.01 12.79
CA LYS A 36 -25.03 20.93 12.35
C LYS A 36 -25.34 22.04 11.40
N ILE A 37 -24.83 23.22 11.70
CA ILE A 37 -25.00 24.36 10.80
C ILE A 37 -24.29 24.11 9.52
N LYS A 38 -23.04 23.76 9.60
CA LYS A 38 -22.28 23.48 8.39
C LYS A 38 -22.89 22.35 7.54
N GLU A 39 -23.38 21.30 8.17
CA GLU A 39 -23.98 20.19 7.45
C GLU A 39 -25.27 20.56 6.76
N ALA A 40 -26.03 21.43 7.39
CA ALA A 40 -27.24 21.95 6.79
C ALA A 40 -26.91 22.70 5.52
N GLN A 41 -25.98 23.66 5.60
CA GLN A 41 -25.82 24.56 4.51
C GLN A 41 -24.83 24.05 3.53
N GLY A 42 -24.21 22.92 3.81
CA GLY A 42 -23.31 22.27 2.83
C GLY A 42 -22.00 22.98 2.58
N THR A 43 -21.26 23.22 3.67
CA THR A 43 -19.95 23.94 3.69
C THR A 43 -18.94 22.94 4.22
N HIS A 44 -17.71 23.04 3.74
CA HIS A 44 -16.71 22.03 3.98
C HIS A 44 -16.41 21.96 5.47
N ARG A 45 -16.20 20.74 6.00
CA ARG A 45 -16.04 20.56 7.46
C ARG A 45 -14.70 21.33 7.88
N TYR A 46 -13.66 21.28 7.06
CA TYR A 46 -12.33 21.70 7.48
C TYR A 46 -11.99 23.08 6.96
N ASP A 47 -11.70 24.02 7.87
CA ASP A 47 -11.39 25.40 7.48
C ASP A 47 -10.02 25.88 8.01
N PRO A 48 -8.99 25.70 7.20
CA PRO A 48 -7.65 26.13 7.57
C PRO A 48 -7.51 27.65 7.81
N VAL A 49 -8.31 28.44 7.12
CA VAL A 49 -8.26 29.87 7.32
C VAL A 49 -8.80 30.14 8.69
N ARG A 50 -9.90 29.52 9.03
CA ARG A 50 -10.44 29.61 10.38
C ARG A 50 -9.46 29.14 11.47
N GLU A 51 -8.75 28.05 11.19
CA GLU A 51 -7.87 27.50 12.19
C GLU A 51 -6.75 28.45 12.44
N ARG A 52 -6.16 28.93 11.36
CA ARG A 52 -5.05 29.86 11.49
C ARG A 52 -5.57 31.11 12.23
N LYS A 53 -6.81 31.55 12.02
CA LYS A 53 -7.31 32.71 12.79
C LYS A 53 -7.36 32.39 14.25
N MET A 54 -7.76 31.18 14.60
CA MET A 54 -7.81 30.78 16.02
C MET A 54 -6.41 30.67 16.59
N LEU A 55 -5.50 30.11 15.83
CA LEU A 55 -4.14 29.97 16.31
C LEU A 55 -3.44 31.33 16.48
N ASP A 56 -3.75 32.29 15.65
CA ASP A 56 -3.22 33.62 15.89
C ASP A 56 -3.67 34.19 17.21
N LEU A 57 -4.93 34.02 17.60
CA LEU A 57 -5.32 34.47 18.94
C LEU A 57 -4.55 33.79 20.02
N ILE A 58 -4.30 32.50 19.87
CA ILE A 58 -3.60 31.80 20.91
C ILE A 58 -2.27 32.53 20.99
N SER A 59 -1.58 32.62 19.86
CA SER A 59 -0.28 33.34 19.70
C SER A 59 -0.14 34.81 20.13
N GLU A 60 -1.22 35.56 19.99
CA GLU A 60 -1.35 36.95 20.42
C GLU A 60 -1.55 37.03 21.94
N HIS A 61 -1.99 35.95 22.59
CA HIS A 61 -2.33 35.96 24.05
C HIS A 61 -1.40 35.02 24.94
N ASN A 62 -0.40 34.37 24.35
CA ASN A 62 0.52 33.50 25.11
C ASN A 62 1.56 34.32 25.84
N ASP A 63 1.53 34.31 27.17
CA ASP A 63 2.75 34.71 27.91
C ASP A 63 3.22 33.66 28.81
N GLY A 64 2.42 32.60 28.98
CA GLY A 64 2.66 31.51 29.91
C GLY A 64 3.93 30.89 29.43
N PRO A 65 4.40 29.86 30.11
CA PRO A 65 5.75 29.34 29.90
C PRO A 65 5.98 28.56 28.62
N PHE A 66 4.94 27.99 28.00
CA PHE A 66 5.19 27.11 26.88
C PHE A 66 5.45 27.93 25.64
N GLU A 67 6.35 27.46 24.77
CA GLU A 67 6.54 28.12 23.50
C GLU A 67 5.22 28.09 22.68
N THR A 68 5.03 29.14 21.90
CA THR A 68 3.90 29.26 21.00
C THR A 68 3.80 28.10 20.00
N SER A 69 4.90 27.73 19.34
CA SER A 69 4.88 26.59 18.40
C SER A 69 4.37 25.34 19.10
N THR A 70 4.73 25.17 20.35
CA THR A 70 4.26 24.04 21.13
C THR A 70 2.75 24.11 21.45
N LEU A 71 2.27 25.27 21.86
CA LEU A 71 0.84 25.37 22.14
C LEU A 71 0.02 25.11 20.93
N GLN A 72 0.39 25.73 19.85
CA GLN A 72 -0.27 25.51 18.58
C GLN A 72 -0.31 24.05 18.21
N HIS A 73 0.75 23.31 18.46
CA HIS A 73 0.64 21.89 18.28
C HIS A 73 -0.44 21.23 19.10
N ILE A 74 -0.55 21.61 20.36
CA ILE A 74 -1.58 21.09 21.25
C ILE A 74 -3.00 21.44 20.75
N PHE A 75 -3.20 22.72 20.51
CA PHE A 75 -4.45 23.17 19.99
C PHE A 75 -4.82 22.59 18.67
N LYS A 76 -3.85 22.37 17.76
CA LYS A 76 -4.21 21.63 16.52
C LYS A 76 -4.80 20.28 16.88
N GLU A 77 -4.17 19.53 17.78
CA GLU A 77 -4.70 18.22 18.10
C GLU A 77 -6.19 18.28 18.56
N ILE A 78 -6.51 19.37 19.26
CA ILE A 78 -7.87 19.66 19.67
C ILE A 78 -8.81 19.91 18.48
N PHE A 79 -8.35 20.71 17.53
CA PHE A 79 -9.15 21.05 16.39
C PHE A 79 -9.37 19.81 15.55
N LYS A 80 -8.31 18.98 15.37
CA LYS A 80 -8.39 17.65 14.71
C LYS A 80 -9.56 16.86 15.29
N ALA A 81 -9.58 16.76 16.60
CA ALA A 81 -10.56 15.96 17.28
C ALA A 81 -11.93 16.54 17.14
N ALA A 82 -12.02 17.87 17.22
CA ALA A 82 -13.27 18.54 16.93
C ALA A 82 -13.72 18.20 15.49
N LEU A 83 -12.87 18.36 14.51
CA LEU A 83 -13.21 17.93 13.18
C LEU A 83 -13.66 16.47 13.14
N GLU A 84 -12.90 15.54 13.67
CA GLU A 84 -13.30 14.12 13.57
C GLU A 84 -14.70 13.85 14.18
N LEU A 85 -14.99 14.50 15.31
CA LEU A 85 -16.30 14.47 15.94
C LEU A 85 -17.45 14.81 14.93
N GLN A 86 -17.24 15.83 14.10
CA GLN A 86 -18.24 16.25 13.17
C GLN A 86 -18.33 15.17 12.15
N GLU A 87 -17.18 14.73 11.62
CA GLU A 87 -17.17 13.80 10.53
C GLU A 87 -17.91 12.51 10.95
N ASP A 88 -17.71 12.11 12.21
CA ASP A 88 -18.26 10.84 12.73
C ASP A 88 -19.68 11.02 13.02
N ASP A 89 -20.09 12.25 13.29
CA ASP A 89 -21.49 12.58 13.48
C ASP A 89 -22.34 12.45 12.22
N HIS A 90 -21.77 12.86 11.09
CA HIS A 90 -22.44 12.78 9.78
C HIS A 90 -22.42 11.33 9.36
N ARG A 91 -21.31 10.63 9.56
CA ARG A 91 -21.27 9.24 9.19
C ARG A 91 -22.26 8.37 9.97
N LYS A 92 -22.41 8.56 11.28
CA LYS A 92 -23.50 7.95 12.09
C LYS A 92 -24.86 7.72 11.35
N ALA A 93 -25.34 8.77 10.69
CA ALA A 93 -26.70 8.88 10.19
C ALA A 93 -26.86 8.44 8.74
N LEU A 94 -25.77 8.18 8.05
CA LEU A 94 -25.90 7.66 6.73
C LEU A 94 -26.44 6.22 6.70
N LEU A 95 -27.30 5.99 5.73
CA LEU A 95 -27.82 4.66 5.48
C LEU A 95 -26.73 3.68 5.14
N VAL A 96 -25.56 4.12 4.74
CA VAL A 96 -24.50 3.21 4.40
C VAL A 96 -23.72 2.73 5.63
N SER A 97 -23.81 3.45 6.75
CA SER A 97 -23.01 3.04 7.91
C SER A 97 -23.51 1.83 8.67
N ARG A 98 -22.59 1.09 9.28
CA ARG A 98 -22.96 0.12 10.30
C ARG A 98 -23.73 0.68 11.50
N LYS A 99 -23.40 1.89 11.90
CA LYS A 99 -24.05 2.53 13.05
C LYS A 99 -25.54 2.66 12.78
N LYS A 100 -25.92 2.97 11.55
CA LYS A 100 -27.32 2.99 11.17
C LYS A 100 -27.88 1.59 11.01
N HIS A 101 -27.18 0.70 10.30
CA HIS A 101 -27.70 -0.59 9.83
C HIS A 101 -26.67 -1.60 10.24
N PRO A 102 -26.59 -1.91 11.51
CA PRO A 102 -25.54 -2.74 12.08
C PRO A 102 -25.33 -4.08 11.45
N GLU A 103 -26.43 -4.70 11.03
CA GLU A 103 -26.43 -6.10 10.56
C GLU A 103 -25.93 -5.96 9.17
N ASN A 104 -25.37 -6.99 8.58
CA ASN A 104 -24.68 -6.71 7.37
C ASN A 104 -25.43 -7.11 6.14
N THR A 105 -25.37 -6.27 5.15
CA THR A 105 -26.21 -6.42 3.98
C THR A 105 -25.80 -7.65 3.13
N ILE A 106 -26.81 -8.38 2.67
CA ILE A 106 -26.65 -9.52 1.79
C ILE A 106 -27.13 -9.22 0.38
N VAL A 107 -26.37 -9.51 -0.68
CA VAL A 107 -26.99 -9.41 -2.01
C VAL A 107 -27.10 -10.77 -2.71
N GLU A 108 -28.34 -11.24 -2.87
CA GLU A 108 -28.57 -12.46 -3.57
C GLU A 108 -28.54 -12.12 -5.00
N VAL A 109 -27.77 -12.91 -5.74
CA VAL A 109 -27.80 -12.90 -7.18
C VAL A 109 -27.70 -14.35 -7.58
N LYS A 110 -28.77 -14.84 -8.19
CA LYS A 110 -28.82 -16.20 -8.75
C LYS A 110 -28.29 -17.22 -7.75
N GLY A 111 -28.79 -17.13 -6.53
CA GLY A 111 -28.36 -18.04 -5.48
C GLY A 111 -27.10 -17.71 -4.71
N GLU A 112 -26.23 -16.82 -5.19
CA GLU A 112 -25.05 -16.40 -4.41
C GLU A 112 -25.46 -15.35 -3.39
N ARG A 113 -25.18 -15.60 -2.11
CA ARG A 113 -25.59 -14.72 -1.00
C ARG A 113 -24.40 -13.88 -0.52
N ILE A 114 -24.01 -12.97 -1.40
CA ILE A 114 -22.78 -12.21 -1.22
C ILE A 114 -22.82 -11.42 0.08
N GLY A 115 -21.74 -11.55 0.84
CA GLY A 115 -21.62 -10.95 2.14
C GLY A 115 -22.22 -11.81 3.16
N ASP A 116 -22.48 -13.07 2.81
CA ASP A 116 -23.01 -13.92 3.85
C ASP A 116 -21.94 -14.31 4.82
N GLY A 117 -20.68 -13.95 4.53
CA GLY A 117 -19.53 -14.48 5.25
C GLY A 117 -18.67 -15.34 4.37
N ASN A 118 -19.24 -16.02 3.38
CA ASN A 118 -18.41 -16.68 2.36
C ASN A 118 -17.84 -15.69 1.41
N GLN A 119 -16.99 -16.28 0.57
CA GLN A 119 -16.16 -15.58 -0.35
C GLN A 119 -16.38 -15.99 -1.80
N TYR A 120 -16.67 -14.99 -2.63
CA TYR A 120 -17.10 -15.23 -3.98
C TYR A 120 -16.10 -14.69 -4.96
N PHE A 121 -16.11 -15.25 -6.16
CA PHE A 121 -15.23 -14.85 -7.19
C PHE A 121 -15.99 -14.35 -8.37
N VAL A 122 -15.54 -13.26 -8.95
CA VAL A 122 -16.13 -12.85 -10.19
C VAL A 122 -15.05 -13.02 -11.21
N MET A 123 -15.38 -13.67 -12.32
CA MET A 123 -14.40 -13.90 -13.38
C MET A 123 -14.99 -13.69 -14.79
N GLY A 124 -14.13 -13.31 -15.73
CA GLY A 124 -14.55 -13.07 -17.10
C GLY A 124 -13.72 -12.02 -17.83
N PRO A 125 -13.92 -11.86 -19.14
CA PRO A 125 -13.14 -10.95 -19.90
C PRO A 125 -13.42 -9.49 -19.60
N CYS A 126 -12.40 -8.70 -19.85
CA CYS A 126 -12.46 -7.28 -19.73
C CYS A 126 -13.56 -6.83 -20.63
N ALA A 127 -13.43 -7.06 -21.91
CA ALA A 127 -14.44 -6.62 -22.82
C ALA A 127 -15.09 -7.79 -23.49
N VAL A 128 -16.35 -7.59 -23.85
CA VAL A 128 -17.09 -8.53 -24.65
C VAL A 128 -16.84 -8.14 -26.05
N GLU A 129 -16.35 -9.12 -26.80
CA GLU A 129 -15.92 -8.97 -28.17
C GLU A 129 -16.77 -9.89 -29.11
N SER A 130 -17.08 -11.13 -28.71
CA SER A 130 -17.91 -11.99 -29.52
C SER A 130 -18.65 -13.00 -28.65
N TYR A 131 -19.67 -13.67 -29.18
CA TYR A 131 -20.31 -14.75 -28.46
C TYR A 131 -19.25 -15.77 -28.07
N GLU A 132 -18.42 -16.13 -29.04
CA GLU A 132 -17.61 -17.34 -28.92
C GLU A 132 -16.53 -17.09 -27.91
N GLN A 133 -16.00 -15.89 -28.00
CA GLN A 133 -15.10 -15.38 -26.99
C GLN A 133 -15.63 -15.58 -25.57
N VAL A 134 -16.81 -15.08 -25.33
CA VAL A 134 -17.31 -15.16 -23.96
C VAL A 134 -17.67 -16.60 -23.62
N ALA A 135 -18.20 -17.29 -24.60
CA ALA A 135 -18.60 -18.66 -24.42
C ALA A 135 -17.44 -19.45 -23.88
N ALA A 136 -16.29 -19.24 -24.53
CA ALA A 136 -15.05 -19.94 -24.19
C ALA A 136 -14.74 -19.79 -22.72
N VAL A 137 -14.78 -18.56 -22.27
CA VAL A 137 -14.49 -18.22 -20.88
C VAL A 137 -15.53 -18.84 -19.95
N ALA A 138 -16.80 -18.57 -20.19
CA ALA A 138 -17.89 -19.13 -19.40
C ALA A 138 -17.78 -20.63 -19.13
N GLU A 139 -17.45 -21.38 -20.17
CA GLU A 139 -17.28 -22.83 -20.02
C GLU A 139 -16.18 -23.08 -19.01
N ALA A 140 -15.04 -22.45 -19.24
CA ALA A 140 -13.93 -22.62 -18.35
C ALA A 140 -14.28 -22.27 -16.90
N VAL A 141 -15.01 -21.16 -16.68
CA VAL A 141 -15.25 -20.72 -15.30
C VAL A 141 -16.24 -21.61 -14.62
N LYS A 142 -17.26 -21.99 -15.34
CA LYS A 142 -18.25 -22.89 -14.77
C LYS A 142 -17.60 -24.14 -14.25
N LYS A 143 -16.68 -24.71 -15.04
CA LYS A 143 -15.90 -25.84 -14.57
C LYS A 143 -15.15 -25.55 -13.32
N GLN A 144 -14.80 -24.29 -13.07
CA GLN A 144 -14.20 -23.93 -11.78
C GLN A 144 -15.21 -23.59 -10.66
N GLY A 145 -16.50 -23.97 -10.87
CA GLY A 145 -17.60 -23.71 -9.94
C GLY A 145 -17.94 -22.24 -9.74
N ILE A 146 -17.64 -21.38 -10.70
CA ILE A 146 -17.95 -19.99 -10.50
C ILE A 146 -19.26 -19.70 -11.14
N LYS A 147 -20.05 -18.95 -10.40
CA LYS A 147 -21.37 -18.54 -10.77
C LYS A 147 -21.36 -17.15 -11.37
N LEU A 148 -20.44 -16.29 -10.93
CA LEU A 148 -20.45 -14.84 -11.31
C LEU A 148 -19.51 -14.48 -12.42
N LEU A 149 -20.06 -14.08 -13.55
CA LEU A 149 -19.28 -13.83 -14.71
C LEU A 149 -19.45 -12.41 -15.00
N ARG A 150 -18.38 -11.77 -15.43
CA ARG A 150 -18.45 -10.37 -15.75
C ARG A 150 -17.93 -10.18 -17.15
N GLY A 151 -18.53 -9.24 -17.87
CA GLY A 151 -18.05 -8.83 -19.21
C GLY A 151 -18.41 -7.40 -19.62
N GLY A 152 -17.55 -6.77 -20.41
CA GLY A 152 -17.65 -5.35 -20.72
C GLY A 152 -18.53 -5.15 -21.93
N ALA A 153 -19.77 -4.82 -21.67
CA ALA A 153 -20.67 -4.47 -22.74
C ALA A 153 -20.37 -3.07 -23.16
N TYR A 154 -20.12 -2.21 -22.17
CA TYR A 154 -19.56 -0.90 -22.38
C TYR A 154 -18.19 -0.78 -21.67
N LYS A 155 -17.20 -0.17 -22.33
CA LYS A 155 -15.88 0.04 -21.78
C LYS A 155 -15.57 1.52 -21.72
N PRO A 156 -15.37 2.10 -20.51
CA PRO A 156 -14.85 3.50 -20.52
C PRO A 156 -13.39 3.49 -20.91
N ARG A 157 -12.93 4.43 -21.70
CA ARG A 157 -11.61 4.35 -22.31
C ARG A 157 -10.88 5.67 -22.28
N THR A 158 -9.59 5.61 -22.08
CA THR A 158 -8.84 6.79 -22.05
C THR A 158 -8.92 7.41 -23.43
N SER A 159 -8.71 6.60 -24.49
CA SER A 159 -8.82 7.14 -25.87
C SER A 159 -10.25 6.96 -26.36
N PRO A 160 -10.81 7.96 -27.06
CA PRO A 160 -12.03 7.74 -27.72
C PRO A 160 -11.85 6.87 -28.96
N TYR A 161 -10.61 6.70 -29.44
CA TYR A 161 -10.31 5.83 -30.57
C TYR A 161 -10.09 4.36 -30.13
N ASP A 162 -10.12 4.09 -28.83
CA ASP A 162 -10.02 2.70 -28.33
C ASP A 162 -11.41 2.06 -28.29
N PHE A 163 -11.42 0.74 -28.28
CA PHE A 163 -12.69 0.02 -28.35
C PHE A 163 -13.62 0.41 -27.21
N GLN A 164 -14.75 0.96 -27.56
CA GLN A 164 -15.69 1.50 -26.59
C GLN A 164 -16.69 0.46 -26.07
N GLY A 165 -16.80 -0.70 -26.72
CA GLY A 165 -17.79 -1.71 -26.36
C GLY A 165 -18.79 -2.00 -27.46
N LEU A 166 -19.28 -3.24 -27.50
CA LEU A 166 -20.37 -3.56 -28.45
C LEU A 166 -21.69 -2.98 -28.05
N GLY A 167 -21.83 -2.54 -26.80
CA GLY A 167 -23.02 -1.89 -26.31
C GLY A 167 -24.11 -2.90 -26.12
N VAL A 168 -25.28 -2.63 -26.67
CA VAL A 168 -26.44 -3.50 -26.46
C VAL A 168 -26.18 -4.91 -26.98
N GLU A 169 -25.62 -5.03 -28.18
CA GLU A 169 -25.21 -6.32 -28.72
C GLU A 169 -24.42 -7.06 -27.67
N GLY A 170 -23.60 -6.31 -26.95
CA GLY A 170 -22.94 -6.82 -25.78
C GLY A 170 -23.83 -7.41 -24.70
N LEU A 171 -24.78 -6.60 -24.26
CA LEU A 171 -25.72 -7.06 -23.25
C LEU A 171 -26.49 -8.33 -23.73
N LYS A 172 -26.91 -8.34 -25.00
CA LYS A 172 -27.62 -9.50 -25.59
C LYS A 172 -26.75 -10.73 -25.41
N ILE A 173 -25.49 -10.63 -25.84
CA ILE A 173 -24.57 -11.75 -25.76
C ILE A 173 -24.44 -12.28 -24.35
N LEU A 174 -24.39 -11.38 -23.38
CA LEU A 174 -24.29 -11.78 -22.00
C LEU A 174 -25.56 -12.54 -21.51
N LYS A 175 -26.73 -11.96 -21.71
CA LYS A 175 -28.00 -12.65 -21.41
C LYS A 175 -28.07 -14.04 -22.00
N ARG A 176 -27.62 -14.16 -23.24
CA ARG A 176 -27.59 -15.44 -23.91
C ARG A 176 -26.73 -16.38 -23.06
N ILE A 177 -25.52 -15.93 -22.77
CA ILE A 177 -24.58 -16.75 -22.01
C ILE A 177 -25.20 -17.10 -20.65
N ALA A 178 -25.70 -16.08 -19.96
CA ALA A 178 -26.32 -16.28 -18.65
C ALA A 178 -27.23 -17.48 -18.66
N ASP A 179 -28.14 -17.50 -19.65
CA ASP A 179 -29.22 -18.52 -19.75
C ASP A 179 -28.64 -19.85 -20.09
N GLU A 180 -27.87 -19.86 -21.18
CA GLU A 180 -27.13 -21.04 -21.70
C GLU A 180 -26.28 -21.79 -20.67
N PHE A 181 -25.56 -21.04 -19.85
CA PHE A 181 -24.61 -21.60 -18.93
C PHE A 181 -25.09 -21.57 -17.47
N ASP A 182 -26.28 -21.02 -17.20
CA ASP A 182 -26.80 -20.85 -15.81
C ASP A 182 -25.83 -20.00 -14.94
N LEU A 183 -25.56 -18.81 -15.44
CA LEU A 183 -24.61 -17.89 -14.80
C LEU A 183 -25.21 -16.56 -14.55
N ALA A 184 -24.74 -15.92 -13.49
CA ALA A 184 -25.12 -14.58 -13.17
C ALA A 184 -24.10 -13.75 -13.87
N VAL A 185 -24.54 -12.73 -14.54
CA VAL A 185 -23.67 -12.08 -15.44
C VAL A 185 -23.66 -10.62 -15.12
N ILE A 186 -22.46 -10.04 -15.09
CA ILE A 186 -22.21 -8.68 -14.63
C ILE A 186 -21.59 -7.83 -15.72
N SER A 187 -22.04 -6.59 -15.84
CA SER A 187 -21.49 -5.65 -16.80
C SER A 187 -21.62 -4.20 -16.36
N GLU A 188 -20.66 -3.40 -16.80
CA GLU A 188 -20.64 -2.00 -16.56
C GLU A 188 -21.59 -1.36 -17.50
N ILE A 189 -22.25 -0.36 -16.97
CA ILE A 189 -23.13 0.50 -17.71
C ILE A 189 -22.66 1.87 -17.41
N VAL A 190 -22.75 2.77 -18.38
CA VAL A 190 -22.09 4.06 -18.35
C VAL A 190 -22.97 5.31 -18.46
N THR A 191 -24.27 5.16 -18.62
CA THR A 191 -25.08 6.34 -18.74
C THR A 191 -26.47 6.02 -18.22
N PRO A 192 -27.13 7.00 -17.59
CA PRO A 192 -28.47 6.74 -17.05
C PRO A 192 -29.48 6.15 -17.99
N ALA A 193 -29.50 6.63 -19.22
CA ALA A 193 -30.37 6.02 -20.24
C ALA A 193 -30.25 4.48 -20.22
N ASP A 194 -29.00 3.96 -20.28
CA ASP A 194 -28.79 2.54 -20.53
C ASP A 194 -29.11 1.70 -19.34
N ILE A 195 -29.27 2.29 -18.16
CA ILE A 195 -29.59 1.51 -16.96
C ILE A 195 -30.78 0.70 -17.23
N GLU A 196 -31.85 1.38 -17.66
CA GLU A 196 -33.19 0.80 -17.87
C GLU A 196 -33.18 -0.40 -18.79
N ILE A 197 -32.46 -0.21 -19.87
CA ILE A 197 -32.33 -1.21 -20.91
C ILE A 197 -31.67 -2.50 -20.40
N ALA A 198 -30.67 -2.33 -19.56
CA ALA A 198 -29.89 -3.45 -19.12
C ALA A 198 -30.61 -4.39 -18.20
N LEU A 199 -31.62 -3.90 -17.51
CA LEU A 199 -32.33 -4.72 -16.55
C LEU A 199 -32.77 -6.03 -17.13
N ASP A 200 -33.09 -5.98 -18.43
CA ASP A 200 -33.54 -7.16 -19.13
C ASP A 200 -32.42 -8.13 -19.37
N TYR A 201 -31.18 -7.66 -19.48
CA TYR A 201 -30.10 -8.58 -19.86
C TYR A 201 -29.23 -9.11 -18.75
N ILE A 202 -28.99 -8.32 -17.72
CA ILE A 202 -27.92 -8.64 -16.77
C ILE A 202 -28.33 -8.63 -15.33
N ASP A 203 -27.50 -9.26 -14.51
CA ASP A 203 -27.83 -9.57 -13.14
C ASP A 203 -27.24 -8.64 -12.13
N VAL A 204 -26.15 -7.97 -12.50
CA VAL A 204 -25.64 -6.94 -11.68
C VAL A 204 -25.12 -5.86 -12.58
N ILE A 205 -25.35 -4.61 -12.17
CA ILE A 205 -24.85 -3.49 -12.90
C ILE A 205 -23.64 -2.96 -12.22
N GLN A 206 -22.59 -2.78 -12.99
CA GLN A 206 -21.38 -2.23 -12.47
C GLN A 206 -21.28 -0.79 -12.80
N ILE A 207 -20.83 0.02 -11.84
CA ILE A 207 -20.39 1.37 -12.12
C ILE A 207 -18.87 1.41 -12.01
N GLY A 208 -18.23 1.82 -13.10
CA GLY A 208 -16.80 1.93 -13.17
C GLY A 208 -16.28 3.04 -12.31
N ALA A 209 -14.97 3.02 -12.11
CA ALA A 209 -14.35 3.92 -11.21
C ALA A 209 -14.43 5.35 -11.69
N ARG A 210 -14.28 5.51 -12.98
CA ARG A 210 -14.32 6.81 -13.52
C ARG A 210 -15.70 7.45 -13.37
N ASN A 211 -16.70 6.63 -13.17
CA ASN A 211 -18.01 7.12 -12.91
C ASN A 211 -18.41 7.12 -11.49
N MET A 212 -17.53 6.87 -10.54
CA MET A 212 -17.97 6.92 -9.14
C MET A 212 -18.67 8.24 -8.79
N GLN A 213 -18.33 9.35 -9.44
CA GLN A 213 -18.93 10.58 -9.08
C GLN A 213 -19.74 11.15 -10.20
N ASN A 214 -20.09 10.31 -11.15
CA ASN A 214 -21.20 10.57 -12.07
C ASN A 214 -22.52 10.34 -11.34
N PHE A 215 -22.98 11.39 -10.67
CA PHE A 215 -24.10 11.29 -9.72
C PHE A 215 -25.43 10.98 -10.39
N GLU A 216 -25.64 11.47 -11.58
CA GLU A 216 -26.83 11.06 -12.28
C GLU A 216 -26.87 9.59 -12.48
N LEU A 217 -25.75 8.99 -12.83
CA LEU A 217 -25.75 7.57 -13.09
C LEU A 217 -26.04 6.85 -11.83
N LEU A 218 -25.45 7.33 -10.76
CA LEU A 218 -25.75 6.78 -9.46
C LEU A 218 -27.22 6.83 -9.15
N LYS A 219 -27.81 8.01 -9.30
CA LYS A 219 -29.20 8.11 -9.00
C LYS A 219 -30.00 7.05 -9.84
N ALA A 220 -29.70 6.97 -11.12
CA ALA A 220 -30.39 6.14 -12.04
C ALA A 220 -30.36 4.73 -11.50
N ALA A 221 -29.19 4.31 -11.12
CA ALA A 221 -29.01 3.01 -10.50
C ALA A 221 -29.69 2.84 -9.11
N GLY A 222 -29.75 3.93 -8.37
CA GLY A 222 -30.47 3.96 -7.12
C GLY A 222 -31.95 3.65 -7.26
N GLN A 223 -32.46 3.80 -8.46
CA GLN A 223 -33.87 3.74 -8.77
C GLN A 223 -34.34 2.47 -9.39
N VAL A 224 -33.52 1.42 -9.41
CA VAL A 224 -33.96 0.15 -9.95
C VAL A 224 -33.85 -0.99 -8.96
N ASN A 225 -34.48 -2.09 -9.32
CA ASN A 225 -34.42 -3.26 -8.51
C ASN A 225 -33.33 -4.10 -9.09
N LYS A 226 -32.09 -3.77 -8.76
CA LYS A 226 -30.91 -4.48 -9.30
C LYS A 226 -29.62 -4.33 -8.45
N PRO A 227 -28.86 -5.43 -8.27
CA PRO A 227 -27.62 -5.24 -7.58
C PRO A 227 -26.68 -4.38 -8.35
N ILE A 228 -26.00 -3.53 -7.58
CA ILE A 228 -25.05 -2.59 -8.11
C ILE A 228 -23.68 -2.90 -7.56
N LEU A 229 -22.68 -2.79 -8.43
CA LEU A 229 -21.33 -3.03 -8.08
C LEU A 229 -20.58 -1.75 -8.33
N LEU A 230 -20.26 -1.06 -7.24
CA LEU A 230 -19.77 0.29 -7.31
C LEU A 230 -18.28 0.26 -7.08
N LYS A 231 -17.53 0.68 -8.09
CA LYS A 231 -16.08 0.71 -8.00
C LYS A 231 -15.58 2.01 -7.47
N ARG A 232 -14.55 1.95 -6.66
CA ARG A 232 -14.03 3.13 -6.04
C ARG A 232 -13.18 3.94 -7.01
N GLY A 233 -13.36 5.26 -6.99
CA GLY A 233 -12.71 6.13 -7.92
C GLY A 233 -11.20 6.11 -7.83
N LEU A 234 -10.57 6.34 -8.99
CA LEU A 234 -9.11 6.50 -9.14
C LEU A 234 -8.47 7.20 -7.98
N ALA A 235 -9.06 8.32 -7.56
CA ALA A 235 -8.51 9.14 -6.55
C ALA A 235 -9.52 9.48 -5.51
N ALA A 236 -10.34 8.52 -5.13
CA ALA A 236 -11.37 8.78 -4.12
C ALA A 236 -10.94 8.49 -2.71
N THR A 237 -11.13 9.44 -1.81
CA THR A 237 -11.12 9.10 -0.40
C THR A 237 -12.13 8.02 -0.07
N ILE A 238 -11.93 7.37 1.02
CA ILE A 238 -12.95 6.45 1.55
C ILE A 238 -14.23 7.23 1.84
N GLU A 239 -14.11 8.41 2.46
CA GLU A 239 -15.30 9.20 2.72
C GLU A 239 -16.12 9.35 1.48
N GLU A 240 -15.48 9.68 0.40
CA GLU A 240 -16.19 9.93 -0.80
C GLU A 240 -16.88 8.70 -1.32
N PHE A 241 -16.19 7.57 -1.24
CA PHE A 241 -16.67 6.34 -1.81
C PHE A 241 -17.91 5.94 -1.09
N ILE A 242 -17.85 6.03 0.22
CA ILE A 242 -19.01 5.79 1.06
C ILE A 242 -20.15 6.71 0.65
N ASN A 243 -19.87 8.02 0.55
CA ASN A 243 -20.91 9.00 0.15
C ASN A 243 -21.49 8.71 -1.22
N ALA A 244 -20.70 8.23 -2.17
CA ALA A 244 -21.32 7.77 -3.42
C ALA A 244 -22.26 6.58 -3.16
N ALA A 245 -21.85 5.60 -2.35
CA ALA A 245 -22.82 4.55 -2.04
C ALA A 245 -24.10 5.17 -1.43
N GLU A 246 -24.00 6.20 -0.57
CA GLU A 246 -25.21 6.91 -0.10
C GLU A 246 -26.16 7.44 -1.18
N TYR A 247 -25.65 8.07 -2.23
CA TYR A 247 -26.52 8.48 -3.37
C TYR A 247 -27.45 7.34 -3.85
N ILE A 248 -26.86 6.16 -4.00
CA ILE A 248 -27.61 5.01 -4.41
C ILE A 248 -28.63 4.57 -3.40
N MET A 249 -28.21 4.35 -2.19
CA MET A 249 -29.18 3.90 -1.14
C MET A 249 -30.26 4.93 -0.89
N SER A 250 -29.90 6.21 -0.94
CA SER A 250 -30.83 7.24 -0.71
C SER A 250 -31.95 7.17 -1.72
N GLN A 251 -31.69 6.64 -2.92
CA GLN A 251 -32.75 6.52 -3.92
C GLN A 251 -33.57 5.27 -3.79
N GLY A 252 -33.36 4.37 -2.81
CA GLY A 252 -34.12 3.11 -2.70
C GLY A 252 -33.35 1.81 -2.84
N ASN A 253 -32.31 1.81 -3.65
CA ASN A 253 -31.52 0.62 -3.84
C ASN A 253 -30.42 0.43 -2.78
N GLY A 254 -30.58 -0.60 -1.97
CA GLY A 254 -29.58 -0.98 -1.01
C GLY A 254 -28.77 -2.19 -1.41
N GLN A 255 -29.01 -2.77 -2.60
CA GLN A 255 -28.20 -3.90 -3.08
C GLN A 255 -26.89 -3.43 -3.68
N ILE A 256 -25.90 -3.21 -2.83
CA ILE A 256 -24.67 -2.58 -3.28
C ILE A 256 -23.45 -3.32 -2.84
N ILE A 257 -22.60 -3.54 -3.79
CA ILE A 257 -21.35 -4.16 -3.55
C ILE A 257 -20.28 -3.15 -3.89
N LEU A 258 -19.33 -2.98 -2.96
CA LEU A 258 -18.23 -2.09 -3.13
C LEU A 258 -17.03 -2.84 -3.62
N CYS A 259 -16.37 -2.29 -4.63
CA CYS A 259 -15.15 -2.89 -5.12
C CYS A 259 -13.96 -1.93 -5.01
N GLU A 260 -12.95 -2.38 -4.26
CA GLU A 260 -11.64 -1.77 -4.29
C GLU A 260 -10.88 -2.26 -5.50
N ARG A 261 -10.19 -1.36 -6.15
CA ARG A 261 -9.57 -1.64 -7.45
C ARG A 261 -8.28 -0.81 -7.62
N GLY A 262 -7.69 -0.44 -6.50
CA GLY A 262 -6.49 0.39 -6.47
C GLY A 262 -6.81 1.85 -6.59
N ILE A 263 -5.79 2.64 -6.28
CA ILE A 263 -5.81 4.09 -6.26
C ILE A 263 -4.50 4.66 -6.85
N ARG A 264 -4.45 5.93 -7.18
CA ARG A 264 -3.44 6.40 -8.05
C ARG A 264 -2.39 7.03 -7.21
N THR A 265 -1.14 6.63 -7.47
CA THR A 265 -0.01 7.10 -6.65
C THR A 265 1.13 7.40 -7.54
N TYR A 266 2.20 7.90 -6.96
CA TYR A 266 3.36 8.22 -7.73
C TYR A 266 3.98 6.91 -8.28
N GLU A 267 3.56 5.73 -7.81
CA GLU A 267 4.28 4.51 -8.18
C GLU A 267 3.97 3.97 -9.56
N ARG A 268 4.99 3.91 -10.38
CA ARG A 268 4.90 3.44 -11.72
C ARG A 268 5.05 1.92 -11.98
N ALA A 269 5.65 1.18 -11.08
CA ALA A 269 5.76 -0.27 -11.27
C ALA A 269 4.43 -0.96 -11.38
N THR A 270 3.40 -0.30 -10.84
CA THR A 270 2.04 -0.82 -10.79
C THR A 270 1.13 0.21 -11.42
N ARG A 271 0.14 -0.25 -12.18
CA ARG A 271 -0.84 0.65 -12.89
C ARG A 271 -1.49 1.52 -11.78
N ASN A 272 -2.00 0.93 -10.72
CA ASN A 272 -2.43 1.63 -9.56
C ASN A 272 -1.83 0.94 -8.41
N THR A 273 -2.04 1.51 -7.24
CA THR A 273 -1.53 0.98 -6.04
C THR A 273 -2.69 0.33 -5.27
N LEU A 274 -2.68 -1.01 -5.17
CA LEU A 274 -3.75 -1.66 -4.43
C LEU A 274 -3.74 -1.33 -2.95
N ASP A 275 -4.86 -0.80 -2.50
CA ASP A 275 -5.04 -0.38 -1.13
C ASP A 275 -5.78 -1.45 -0.32
N ILE A 276 -5.07 -2.40 0.23
CA ILE A 276 -5.79 -3.45 0.90
C ILE A 276 -6.44 -2.94 2.21
N SER A 277 -5.81 -1.96 2.84
CA SER A 277 -6.35 -1.36 4.07
C SER A 277 -7.86 -1.08 3.87
N ALA A 278 -8.26 -0.60 2.70
CA ALA A 278 -9.66 -0.22 2.51
C ALA A 278 -10.68 -1.29 2.86
N VAL A 279 -10.33 -2.50 2.59
CA VAL A 279 -11.32 -3.53 2.78
C VAL A 279 -11.83 -3.60 4.22
N PRO A 280 -10.96 -3.95 5.16
CA PRO A 280 -11.48 -4.02 6.51
C PRO A 280 -12.06 -2.71 6.97
N ILE A 281 -11.59 -1.59 6.44
CA ILE A 281 -12.17 -0.36 6.81
C ILE A 281 -13.59 -0.28 6.33
N LEU A 282 -13.79 -0.54 5.04
CA LEU A 282 -15.13 -0.44 4.47
C LEU A 282 -16.03 -1.42 5.15
N LYS A 283 -15.51 -2.57 5.48
CA LYS A 283 -16.34 -3.57 6.14
C LYS A 283 -16.69 -3.11 7.58
N LYS A 284 -15.82 -2.34 8.20
CA LYS A 284 -16.16 -1.82 9.53
C LYS A 284 -17.14 -0.64 9.45
N GLU A 285 -16.93 0.24 8.49
CA GLU A 285 -17.61 1.50 8.53
C GLU A 285 -18.98 1.37 7.83
N THR A 286 -19.18 0.40 6.97
CA THR A 286 -20.48 0.15 6.34
C THR A 286 -20.92 -1.27 6.50
N HIS A 287 -22.15 -1.52 6.12
CA HIS A 287 -22.62 -2.81 6.29
C HIS A 287 -22.64 -3.52 4.89
N LEU A 288 -21.93 -2.98 3.89
CA LEU A 288 -21.94 -3.61 2.54
C LEU A 288 -20.78 -4.56 2.26
N PRO A 289 -21.01 -5.51 1.34
CA PRO A 289 -19.91 -6.41 1.02
C PRO A 289 -18.92 -5.64 0.19
N VAL A 290 -17.66 -6.11 0.21
CA VAL A 290 -16.52 -5.47 -0.43
C VAL A 290 -15.70 -6.47 -1.20
N PHE A 291 -15.41 -6.14 -2.43
CA PHE A 291 -14.67 -6.99 -3.31
C PHE A 291 -13.39 -6.31 -3.67
N VAL A 292 -12.50 -7.07 -4.28
CA VAL A 292 -11.30 -6.53 -4.81
C VAL A 292 -11.12 -7.00 -6.23
N ASP A 293 -10.71 -6.09 -7.09
CA ASP A 293 -10.39 -6.34 -8.45
C ASP A 293 -8.84 -6.37 -8.52
N VAL A 294 -8.31 -7.56 -8.58
CA VAL A 294 -6.89 -7.70 -8.62
C VAL A 294 -6.31 -7.36 -9.96
N THR A 295 -7.10 -7.48 -11.01
CA THR A 295 -6.54 -7.30 -12.36
C THR A 295 -6.27 -5.78 -12.55
N HIS A 296 -7.27 -4.94 -12.36
CA HIS A 296 -7.13 -3.47 -12.57
C HIS A 296 -6.29 -2.69 -11.53
N SER A 297 -6.21 -3.18 -10.32
CA SER A 297 -5.41 -2.49 -9.30
C SER A 297 -3.93 -2.58 -9.62
N THR A 298 -3.41 -3.80 -9.65
CA THR A 298 -2.00 -4.05 -10.03
C THR A 298 -1.73 -3.71 -11.52
N GLY A 299 -2.59 -4.15 -12.39
CA GLY A 299 -2.30 -4.10 -13.77
C GLY A 299 -1.19 -5.05 -14.13
N ARG A 300 -1.05 -6.21 -13.46
CA ARG A 300 0.09 -7.14 -13.69
C ARG A 300 -0.26 -8.63 -13.45
N ARG A 301 -0.08 -9.42 -14.51
CA ARG A 301 -0.35 -10.85 -14.47
C ARG A 301 0.39 -11.49 -13.29
N ASP A 302 1.63 -11.07 -13.09
CA ASP A 302 2.48 -11.70 -12.03
C ASP A 302 2.01 -11.48 -10.63
N LEU A 303 1.19 -10.46 -10.41
CA LEU A 303 0.68 -10.17 -9.08
C LEU A 303 -0.72 -10.70 -8.80
N LEU A 304 -1.36 -11.28 -9.80
CA LEU A 304 -2.76 -11.60 -9.68
C LEU A 304 -2.96 -12.55 -8.59
N ILE A 305 -2.13 -13.58 -8.55
CA ILE A 305 -2.31 -14.61 -7.56
C ILE A 305 -2.05 -14.06 -6.17
N PRO A 306 -0.84 -13.51 -5.96
CA PRO A 306 -0.54 -13.06 -4.63
C PRO A 306 -1.62 -12.17 -4.12
N CYS A 307 -1.98 -11.21 -4.93
CA CYS A 307 -2.94 -10.24 -4.46
C CYS A 307 -4.32 -10.81 -4.15
N ALA A 308 -4.68 -11.87 -4.83
CA ALA A 308 -5.92 -12.51 -4.53
C ALA A 308 -5.95 -13.12 -3.10
N LYS A 309 -4.90 -13.86 -2.81
CA LYS A 309 -4.68 -14.40 -1.48
C LYS A 309 -4.73 -13.32 -0.44
N ALA A 310 -4.01 -12.25 -0.71
CA ALA A 310 -3.97 -11.19 0.23
C ALA A 310 -5.39 -10.72 0.48
N ALA A 311 -6.07 -10.47 -0.59
CA ALA A 311 -7.41 -10.04 -0.50
C ALA A 311 -8.36 -11.02 0.22
N LEU A 312 -8.17 -12.30 0.03
CA LEU A 312 -8.99 -13.26 0.79
C LEU A 312 -8.68 -13.25 2.26
N ALA A 313 -7.40 -13.34 2.55
CA ALA A 313 -6.91 -13.29 3.91
C ALA A 313 -7.45 -12.13 4.72
N ILE A 314 -7.41 -10.97 4.10
CA ILE A 314 -7.79 -9.77 4.82
C ILE A 314 -9.29 -9.76 5.09
N GLY A 315 -10.03 -10.63 4.42
CA GLY A 315 -11.45 -10.81 4.65
C GLY A 315 -12.34 -10.12 3.62
N ALA A 316 -11.84 -9.94 2.40
CA ALA A 316 -12.71 -9.48 1.35
C ALA A 316 -13.90 -10.42 1.15
N ASP A 317 -15.05 -9.88 0.73
CA ASP A 317 -16.18 -10.73 0.42
C ASP A 317 -16.02 -11.43 -0.93
N GLY A 318 -15.05 -10.96 -1.72
CA GLY A 318 -14.77 -11.59 -3.00
C GLY A 318 -13.66 -10.95 -3.80
N VAL A 319 -13.27 -11.66 -4.86
CA VAL A 319 -12.16 -11.27 -5.69
C VAL A 319 -12.60 -11.34 -7.08
N MET A 320 -12.15 -10.39 -7.85
CA MET A 320 -12.63 -10.24 -9.13
C MET A 320 -11.44 -10.16 -10.03
N ALA A 321 -11.45 -10.95 -11.10
CA ALA A 321 -10.39 -10.88 -12.10
C ALA A 321 -10.82 -11.24 -13.53
N GLU A 322 -9.87 -11.12 -14.43
CA GLU A 322 -10.16 -11.11 -15.84
C GLU A 322 -9.49 -12.22 -16.58
N VAL A 323 -10.30 -12.87 -17.39
CA VAL A 323 -9.96 -14.10 -18.09
C VAL A 323 -10.45 -13.97 -19.49
N HIS A 324 -9.68 -14.47 -20.43
CA HIS A 324 -9.94 -14.23 -21.83
C HIS A 324 -9.11 -15.32 -22.54
N PRO A 325 -9.68 -16.00 -23.51
CA PRO A 325 -9.09 -17.17 -24.16
C PRO A 325 -7.84 -16.95 -25.00
N ASP A 326 -7.67 -15.76 -25.55
CA ASP A 326 -6.42 -15.32 -26.12
C ASP A 326 -6.07 -13.86 -25.80
N PRO A 327 -5.45 -13.61 -24.64
CA PRO A 327 -5.27 -12.22 -24.24
C PRO A 327 -4.36 -11.47 -25.13
N ALA A 328 -3.47 -12.12 -25.83
CA ALA A 328 -2.65 -11.36 -26.78
C ALA A 328 -3.41 -10.60 -27.83
N VAL A 329 -4.59 -11.04 -28.19
CA VAL A 329 -5.33 -10.34 -29.20
C VAL A 329 -6.53 -9.65 -28.61
N ALA A 330 -6.63 -9.63 -27.31
CA ALA A 330 -7.79 -8.97 -26.76
C ALA A 330 -7.77 -7.53 -27.11
N LEU A 331 -8.95 -6.95 -27.11
CA LEU A 331 -9.13 -5.54 -27.43
C LEU A 331 -9.06 -4.58 -26.26
N SER A 332 -8.65 -5.09 -25.09
CA SER A 332 -8.39 -4.34 -23.88
C SER A 332 -7.55 -5.20 -23.04
N ASP A 333 -6.71 -4.61 -22.22
CA ASP A 333 -6.02 -5.36 -21.20
C ASP A 333 -5.29 -6.61 -21.72
N SER A 334 -4.73 -6.54 -22.92
CA SER A 334 -3.99 -7.64 -23.52
C SER A 334 -2.86 -8.25 -22.64
N ALA A 335 -2.22 -7.41 -21.84
CA ALA A 335 -1.17 -7.85 -20.96
C ALA A 335 -1.62 -8.31 -19.55
N GLN A 336 -2.85 -7.99 -19.17
CA GLN A 336 -3.38 -8.21 -17.82
C GLN A 336 -4.24 -9.48 -17.66
N GLN A 337 -4.83 -9.94 -18.74
CA GLN A 337 -5.83 -10.94 -18.60
C GLN A 337 -5.18 -12.31 -18.59
N MET A 338 -5.84 -13.22 -17.89
CA MET A 338 -5.40 -14.58 -17.82
C MET A 338 -5.99 -15.33 -19.00
N ASP A 339 -5.14 -16.13 -19.64
CA ASP A 339 -5.66 -17.13 -20.52
C ASP A 339 -6.21 -18.25 -19.63
N ILE A 340 -6.76 -19.27 -20.26
CA ILE A 340 -7.56 -20.22 -19.53
C ILE A 340 -6.64 -21.11 -18.67
N ALA A 341 -5.49 -21.49 -19.20
CA ALA A 341 -4.45 -22.15 -18.41
C ALA A 341 -4.09 -21.34 -17.19
N GLN A 342 -3.86 -20.06 -17.41
CA GLN A 342 -3.39 -19.19 -16.35
C GLN A 342 -4.45 -19.13 -15.31
N PHE A 343 -5.68 -19.11 -15.77
CA PHE A 343 -6.81 -19.08 -14.89
C PHE A 343 -6.98 -20.32 -14.02
N ASN A 344 -6.77 -21.47 -14.62
CA ASN A 344 -6.84 -22.72 -13.87
C ASN A 344 -5.72 -22.88 -12.88
N GLU A 345 -4.52 -22.40 -13.22
CA GLU A 345 -3.37 -22.34 -12.28
C GLU A 345 -3.79 -21.47 -11.12
N PHE A 346 -4.33 -20.29 -11.44
CA PHE A 346 -4.80 -19.27 -10.49
C PHE A 346 -5.81 -19.85 -9.55
N MET A 347 -6.79 -20.54 -10.09
CA MET A 347 -7.84 -21.16 -9.25
C MET A 347 -7.31 -22.26 -8.30
N GLU A 348 -6.57 -23.26 -8.81
CA GLU A 348 -5.87 -24.23 -7.97
C GLU A 348 -5.12 -23.59 -6.79
N GLU A 349 -4.48 -22.46 -7.00
CA GLU A 349 -3.70 -21.83 -5.94
C GLU A 349 -4.49 -21.06 -4.91
N VAL A 350 -5.61 -20.45 -5.27
CA VAL A 350 -6.44 -19.77 -4.29
C VAL A 350 -7.66 -20.60 -3.82
N ARG A 351 -8.03 -21.65 -4.53
CA ARG A 351 -8.76 -22.75 -3.90
C ARG A 351 -8.20 -22.84 -2.44
N ALA A 352 -6.86 -23.00 -2.33
CA ALA A 352 -6.20 -23.12 -1.04
C ALA A 352 -6.32 -21.90 -0.04
N PHE A 353 -6.76 -20.73 -0.43
CA PHE A 353 -7.22 -19.66 0.56
C PHE A 353 -8.75 -19.41 0.82
N GLN A 354 -9.60 -20.41 0.58
CA GLN A 354 -11.07 -20.22 0.59
C GLN A 354 -11.51 -19.15 -0.43
N MET B 1 -4.34 -18.83 -31.18
CA MET B 1 -4.28 -18.02 -32.48
C MET B 1 -3.24 -16.84 -32.45
N GLY B 2 -3.33 -15.87 -31.53
CA GLY B 2 -2.16 -15.00 -31.15
C GLY B 2 -1.74 -13.94 -32.14
N ASN B 3 -0.64 -13.24 -31.86
CA ASN B 3 -0.09 -12.28 -32.82
C ASN B 3 1.34 -12.63 -33.25
N GLU B 4 1.45 -13.49 -34.28
CA GLU B 4 2.72 -13.87 -34.93
C GLU B 4 3.61 -12.60 -35.13
N ARG B 5 3.10 -11.50 -35.72
CA ARG B 5 3.95 -10.30 -36.05
C ARG B 5 4.44 -9.41 -34.89
N LEU B 6 3.70 -9.43 -33.79
CA LEU B 6 4.13 -8.67 -32.62
C LEU B 6 5.28 -9.43 -31.96
N ASP B 7 5.13 -10.75 -31.88
CA ASP B 7 6.13 -11.61 -31.30
C ASP B 7 7.41 -11.44 -32.07
N GLU B 8 7.35 -11.57 -33.37
CA GLU B 8 8.58 -11.48 -34.14
C GLU B 8 9.24 -10.10 -34.02
N LEU B 9 8.45 -9.05 -33.83
CA LEU B 9 9.02 -7.71 -33.67
C LEU B 9 9.72 -7.58 -32.36
N ARG B 10 9.08 -8.11 -31.34
CA ARG B 10 9.72 -8.19 -30.06
C ARG B 10 10.96 -9.08 -30.07
N ALA B 11 10.92 -10.18 -30.78
CA ALA B 11 12.10 -11.02 -30.91
C ALA B 11 13.25 -10.20 -31.42
N ARG B 12 12.96 -9.42 -32.44
CA ARG B 12 13.95 -8.62 -33.07
C ARG B 12 14.47 -7.61 -32.08
N VAL B 13 13.61 -6.99 -31.29
CA VAL B 13 14.06 -5.99 -30.38
C VAL B 13 15.02 -6.62 -29.42
N ASP B 14 14.64 -7.75 -28.83
CA ASP B 14 15.54 -8.48 -27.91
C ASP B 14 16.86 -8.71 -28.59
N GLU B 15 16.83 -9.24 -29.80
CA GLU B 15 18.06 -9.51 -30.50
C GLU B 15 18.90 -8.23 -30.63
N ILE B 16 18.30 -7.07 -30.80
CA ILE B 16 19.05 -5.82 -30.78
C ILE B 16 19.61 -5.53 -29.38
N ASN B 17 18.79 -5.71 -28.33
CA ASN B 17 19.27 -5.41 -26.97
C ASN B 17 20.59 -6.14 -26.70
N LEU B 18 20.68 -7.39 -27.11
CA LEU B 18 21.92 -8.10 -26.97
C LEU B 18 23.01 -7.51 -27.79
N GLN B 19 22.75 -7.09 -29.01
CA GLN B 19 23.79 -6.47 -29.76
C GLN B 19 24.28 -5.22 -29.06
N LEU B 20 23.36 -4.50 -28.44
CA LEU B 20 23.71 -3.27 -27.76
C LEU B 20 24.56 -3.57 -26.55
N LEU B 21 24.08 -4.53 -25.75
CA LEU B 21 24.78 -5.05 -24.57
C LEU B 21 26.24 -5.33 -24.91
N LYS B 22 26.49 -6.10 -25.97
CA LYS B 22 27.86 -6.44 -26.39
C LYS B 22 28.67 -5.20 -26.74
N LEU B 23 28.12 -4.27 -27.48
CA LEU B 23 28.89 -3.05 -27.79
C LEU B 23 29.15 -2.14 -26.60
N ILE B 24 28.18 -2.00 -25.72
CA ILE B 24 28.40 -1.14 -24.60
C ILE B 24 29.55 -1.63 -23.80
N ASN B 25 29.61 -2.95 -23.60
CA ASN B 25 30.71 -3.53 -22.89
C ASN B 25 32.02 -3.47 -23.66
N GLU B 26 32.03 -3.60 -24.99
CA GLU B 26 33.35 -3.51 -25.58
C GLU B 26 33.87 -2.11 -25.43
N ARG B 27 32.96 -1.14 -25.60
CA ARG B 27 33.17 0.26 -25.28
C ARG B 27 33.72 0.40 -23.89
N GLY B 28 33.10 -0.29 -22.94
CA GLY B 28 33.61 -0.35 -21.55
C GLY B 28 35.10 -0.70 -21.41
N ARG B 29 35.51 -1.79 -22.05
CA ARG B 29 36.87 -2.19 -22.07
C ARG B 29 37.77 -1.12 -22.58
N LEU B 30 37.40 -0.50 -23.68
CA LEU B 30 38.23 0.55 -24.24
C LEU B 30 38.34 1.71 -23.31
N VAL B 31 37.26 1.99 -22.63
CA VAL B 31 37.26 3.05 -21.66
C VAL B 31 38.15 2.78 -20.47
N GLN B 32 38.22 1.54 -20.06
CA GLN B 32 39.09 1.16 -19.00
C GLN B 32 40.49 1.43 -19.44
N GLU B 33 40.84 0.98 -20.63
CA GLU B 33 42.16 1.19 -21.14
C GLU B 33 42.51 2.66 -21.12
N ILE B 34 41.61 3.51 -21.53
CA ILE B 34 41.88 4.90 -21.59
C ILE B 34 42.14 5.50 -20.22
N GLY B 35 41.33 5.12 -19.26
CA GLY B 35 41.51 5.57 -17.88
C GLY B 35 42.92 5.31 -17.39
N LYS B 36 43.40 4.11 -17.68
CA LYS B 36 44.73 3.78 -17.26
C LYS B 36 45.74 4.75 -17.85
N ILE B 37 45.54 5.10 -19.12
CA ILE B 37 46.42 6.01 -19.80
C ILE B 37 46.32 7.40 -19.28
N LYS B 38 45.11 7.87 -19.19
CA LYS B 38 44.94 9.14 -18.59
C LYS B 38 45.52 9.24 -17.19
N GLU B 39 45.24 8.25 -16.36
CA GLU B 39 45.58 8.34 -14.95
C GLU B 39 47.09 8.32 -14.78
N ALA B 40 47.78 7.57 -15.62
CA ALA B 40 49.20 7.61 -15.66
C ALA B 40 49.70 9.02 -15.88
N GLN B 41 49.18 9.72 -16.86
CA GLN B 41 49.65 11.10 -17.05
C GLN B 41 49.20 12.09 -15.97
N GLY B 42 48.21 11.67 -15.22
CA GLY B 42 47.71 12.38 -14.10
C GLY B 42 46.82 13.41 -14.66
N THR B 43 45.85 12.96 -15.47
CA THR B 43 44.91 13.79 -16.23
C THR B 43 43.52 13.48 -15.72
N HIS B 44 42.67 14.50 -15.62
CA HIS B 44 41.39 14.32 -14.99
C HIS B 44 40.55 13.35 -15.80
N ARG B 45 39.78 12.50 -15.11
CA ARG B 45 38.99 11.45 -15.74
C ARG B 45 37.93 12.09 -16.66
N TYR B 46 37.35 13.22 -16.26
CA TYR B 46 36.17 13.80 -16.91
C TYR B 46 36.53 14.84 -17.95
N ASP B 47 36.18 14.65 -19.22
CA ASP B 47 36.50 15.59 -20.27
C ASP B 47 35.26 16.14 -21.04
N PRO B 48 34.63 17.22 -20.51
CA PRO B 48 33.48 17.86 -21.18
C PRO B 48 33.69 18.35 -22.63
N VAL B 49 34.91 18.74 -22.96
CA VAL B 49 35.22 19.07 -24.31
C VAL B 49 35.08 17.82 -25.17
N ARG B 50 35.68 16.72 -24.71
CA ARG B 50 35.62 15.43 -25.45
C ARG B 50 34.22 14.91 -25.55
N GLU B 51 33.43 15.09 -24.50
CA GLU B 51 32.06 14.65 -24.56
C GLU B 51 31.28 15.41 -25.56
N ARG B 52 31.41 16.73 -25.55
CA ARG B 52 30.70 17.54 -26.54
C ARG B 52 31.12 17.16 -27.93
N LYS B 53 32.38 16.85 -28.12
CA LYS B 53 32.78 16.46 -29.44
C LYS B 53 32.08 15.14 -29.86
N MET B 54 31.98 14.21 -28.96
CA MET B 54 31.31 12.96 -29.29
C MET B 54 29.81 13.20 -29.54
N LEU B 55 29.18 14.06 -28.75
CA LEU B 55 27.78 14.33 -28.96
C LEU B 55 27.52 15.01 -30.26
N ASP B 56 28.44 15.86 -30.69
CA ASP B 56 28.27 16.44 -32.02
C ASP B 56 28.26 15.34 -33.09
N LEU B 57 29.12 14.33 -32.99
CA LEU B 57 29.08 13.25 -33.97
C LEU B 57 27.75 12.52 -33.97
N ILE B 58 27.17 12.31 -32.82
CA ILE B 58 25.93 11.56 -32.71
C ILE B 58 24.81 12.32 -33.36
N SER B 59 24.78 13.61 -33.07
CA SER B 59 23.77 14.55 -33.60
C SER B 59 23.73 14.81 -35.12
N GLU B 60 24.85 14.58 -35.82
CA GLU B 60 24.91 14.83 -37.25
C GLU B 60 24.06 13.80 -37.94
N HIS B 61 23.30 14.31 -38.92
CA HIS B 61 22.37 13.56 -39.76
C HIS B 61 21.44 12.63 -39.06
N ASN B 62 20.71 13.16 -38.11
CA ASN B 62 19.75 12.37 -37.38
C ASN B 62 18.40 12.28 -38.15
N ASP B 63 18.14 11.15 -38.78
CA ASP B 63 16.84 10.95 -39.42
C ASP B 63 16.29 9.62 -38.92
N GLY B 64 16.86 9.13 -37.80
CA GLY B 64 16.21 8.10 -37.02
C GLY B 64 15.10 8.82 -36.32
N PRO B 65 14.32 8.08 -35.56
CA PRO B 65 13.04 8.57 -35.04
C PRO B 65 13.18 9.53 -33.89
N PHE B 66 14.29 9.50 -33.22
CA PHE B 66 14.35 10.19 -31.97
C PHE B 66 14.75 11.63 -32.23
N GLU B 67 14.28 12.53 -31.37
CA GLU B 67 14.92 13.83 -31.32
C GLU B 67 16.39 13.71 -30.94
N THR B 68 17.15 14.68 -31.41
CA THR B 68 18.52 14.80 -31.04
C THR B 68 18.71 14.94 -29.56
N SER B 69 17.92 15.80 -28.91
CA SER B 69 18.03 15.99 -27.45
C SER B 69 17.91 14.65 -26.74
N THR B 70 17.06 13.80 -27.25
CA THR B 70 16.88 12.53 -26.66
C THR B 70 18.12 11.64 -26.85
N LEU B 71 18.70 11.62 -28.04
CA LEU B 71 19.84 10.73 -28.28
C LEU B 71 20.99 11.09 -27.40
N GLN B 72 21.26 12.37 -27.37
CA GLN B 72 22.26 12.86 -26.48
C GLN B 72 22.04 12.46 -25.04
N HIS B 73 20.80 12.48 -24.57
CA HIS B 73 20.55 11.96 -23.24
C HIS B 73 20.98 10.50 -23.06
N ILE B 74 20.67 9.69 -24.06
CA ILE B 74 21.01 8.29 -24.03
C ILE B 74 22.52 8.15 -23.96
N PHE B 75 23.20 8.78 -24.92
CA PHE B 75 24.65 8.72 -24.96
C PHE B 75 25.30 9.34 -23.77
N LYS B 76 24.74 10.41 -23.23
CA LYS B 76 25.22 10.95 -21.97
C LYS B 76 25.16 9.87 -20.88
N GLU B 77 24.07 9.16 -20.77
CA GLU B 77 24.05 8.10 -19.75
C GLU B 77 25.21 7.11 -19.89
N ILE B 78 25.56 6.84 -21.14
CA ILE B 78 26.64 5.96 -21.44
C ILE B 78 28.00 6.50 -20.99
N PHE B 79 28.20 7.76 -21.22
CA PHE B 79 29.44 8.38 -20.85
C PHE B 79 29.58 8.47 -19.35
N LYS B 80 28.48 8.82 -18.66
CA LYS B 80 28.43 8.75 -17.18
C LYS B 80 28.93 7.44 -16.65
N ALA B 81 28.41 6.38 -17.23
CA ALA B 81 28.73 5.07 -16.78
C ALA B 81 30.19 4.76 -17.03
N ALA B 82 30.67 5.17 -18.19
CA ALA B 82 32.04 4.96 -18.51
C ALA B 82 32.91 5.67 -17.49
N LEU B 83 32.60 6.92 -17.23
CA LEU B 83 33.28 7.61 -16.16
C LEU B 83 33.20 6.83 -14.85
N GLU B 84 32.04 6.41 -14.37
CA GLU B 84 31.95 5.73 -13.05
C GLU B 84 32.87 4.49 -13.00
N LEU B 85 32.88 3.77 -14.08
CA LEU B 85 33.75 2.61 -14.26
C LEU B 85 35.28 2.80 -14.14
N GLN B 86 35.77 4.00 -14.41
CA GLN B 86 37.15 4.38 -14.07
C GLN B 86 37.23 4.54 -12.47
N GLU B 87 38.24 3.96 -11.81
CA GLU B 87 38.35 3.96 -10.29
C GLU B 87 39.53 3.06 -9.77
N PRO B 102 20.30 -17.00 -9.92
CA PRO B 102 20.09 -16.25 -8.67
C PRO B 102 18.90 -16.76 -7.81
N GLU B 103 19.21 -17.47 -6.71
CA GLU B 103 18.25 -17.95 -5.70
C GLU B 103 18.29 -16.98 -4.51
N ASN B 104 17.51 -17.25 -3.46
CA ASN B 104 17.23 -16.25 -2.37
C ASN B 104 18.19 -16.06 -1.25
N THR B 105 18.48 -14.81 -0.93
CA THR B 105 19.36 -14.49 0.18
C THR B 105 18.73 -14.87 1.54
N ILE B 106 19.56 -15.47 2.40
CA ILE B 106 19.19 -15.84 3.78
C ILE B 106 19.90 -14.96 4.80
N VAL B 107 19.19 -14.37 5.78
CA VAL B 107 19.94 -13.72 6.87
C VAL B 107 19.72 -14.41 8.22
N GLU B 108 20.77 -15.08 8.69
CA GLU B 108 20.71 -15.71 9.97
C GLU B 108 20.92 -14.61 10.94
N VAL B 109 20.02 -14.58 11.92
CA VAL B 109 20.23 -13.80 13.10
C VAL B 109 19.80 -14.73 14.25
N LYS B 110 20.78 -15.08 15.12
CA LYS B 110 20.52 -15.84 16.37
C LYS B 110 19.61 -17.04 16.05
N GLY B 111 19.99 -17.78 15.01
CA GLY B 111 19.22 -18.95 14.62
C GLY B 111 18.02 -18.78 13.71
N GLU B 112 17.48 -17.57 13.56
CA GLU B 112 16.39 -17.32 12.62
C GLU B 112 16.98 -17.20 11.22
N ARG B 113 16.50 -18.03 10.30
CA ARG B 113 16.99 -18.07 8.90
C ARG B 113 16.03 -17.32 7.98
N ILE B 114 15.98 -15.99 8.19
CA ILE B 114 15.04 -15.13 7.55
C ILE B 114 15.15 -15.22 6.01
N GLY B 115 13.99 -15.43 5.36
CA GLY B 115 13.94 -15.71 3.96
C GLY B 115 14.20 -17.20 3.74
N ASP B 116 14.11 -18.02 4.82
CA ASP B 116 14.18 -19.50 4.76
C ASP B 116 13.02 -19.96 3.88
N GLY B 117 12.02 -19.10 3.60
CA GLY B 117 10.74 -19.52 3.14
C GLY B 117 9.77 -19.43 4.32
N ASN B 118 10.21 -19.67 5.56
CA ASN B 118 9.33 -19.42 6.71
C ASN B 118 9.12 -17.96 6.91
N GLN B 119 8.23 -17.73 7.88
CA GLN B 119 7.70 -16.43 8.17
C GLN B 119 7.91 -16.00 9.58
N TYR B 120 8.56 -14.88 9.73
CA TYR B 120 9.04 -14.46 11.03
C TYR B 120 8.27 -13.26 11.47
N PHE B 121 8.30 -13.00 12.77
CA PHE B 121 7.73 -11.81 13.36
C PHE B 121 8.74 -10.98 14.13
N VAL B 122 8.70 -9.69 13.94
CA VAL B 122 9.45 -8.85 14.78
C VAL B 122 8.46 -8.11 15.63
N MET B 123 8.72 -8.07 16.91
CA MET B 123 7.83 -7.39 17.85
C MET B 123 8.59 -6.62 18.93
N GLY B 124 7.97 -5.57 19.45
CA GLY B 124 8.57 -4.76 20.49
C GLY B 124 8.14 -3.32 20.43
N PRO B 125 8.53 -2.53 21.43
CA PRO B 125 8.10 -1.17 21.51
C PRO B 125 8.73 -0.25 20.50
N CYS B 126 8.00 0.82 20.24
CA CYS B 126 8.42 1.82 19.30
C CYS B 126 9.68 2.34 19.85
N ALA B 127 9.64 2.89 21.04
CA ALA B 127 10.84 3.45 21.61
C ALA B 127 11.23 2.69 22.84
N VAL B 128 12.51 2.68 23.10
CA VAL B 128 12.99 2.19 24.36
C VAL B 128 13.02 3.33 25.32
N GLU B 129 12.38 3.13 26.46
CA GLU B 129 12.12 4.14 27.48
C GLU B 129 12.73 3.76 28.84
N SER B 130 12.68 2.49 29.22
CA SER B 130 13.36 2.03 30.44
C SER B 130 13.73 0.55 30.30
N TYR B 131 14.61 0.04 31.17
CA TYR B 131 14.82 -1.42 31.27
C TYR B 131 13.47 -2.18 31.49
N GLU B 132 12.66 -1.71 32.45
CA GLU B 132 11.53 -2.51 32.98
C GLU B 132 10.48 -2.52 31.89
N GLN B 133 10.33 -1.37 31.25
CA GLN B 133 9.51 -1.29 30.05
C GLN B 133 9.81 -2.40 29.02
N VAL B 134 11.04 -2.44 28.58
CA VAL B 134 11.36 -3.37 27.54
C VAL B 134 11.29 -4.79 28.07
N ALA B 135 11.73 -4.95 29.31
CA ALA B 135 11.69 -6.23 29.94
C ALA B 135 10.27 -6.80 29.88
N ALA B 136 9.30 -5.97 30.26
CA ALA B 136 7.87 -6.36 30.28
C ALA B 136 7.43 -6.97 28.96
N VAL B 137 7.76 -6.26 27.91
CA VAL B 137 7.47 -6.71 26.56
C VAL B 137 8.20 -8.01 26.22
N ALA B 138 9.51 -8.01 26.38
CA ALA B 138 10.34 -9.19 26.08
C ALA B 138 9.82 -10.51 26.68
N GLU B 139 9.41 -10.42 27.93
CA GLU B 139 8.83 -11.55 28.58
C GLU B 139 7.58 -11.98 27.77
N ALA B 140 6.70 -11.03 27.50
CA ALA B 140 5.47 -11.34 26.78
C ALA B 140 5.72 -11.96 25.40
N VAL B 141 6.66 -11.41 24.65
CA VAL B 141 6.90 -11.90 23.30
C VAL B 141 7.56 -13.27 23.33
N LYS B 142 8.53 -13.46 24.23
CA LYS B 142 9.18 -14.76 24.30
C LYS B 142 8.16 -15.85 24.54
N LYS B 143 7.22 -15.59 25.44
CA LYS B 143 6.11 -16.49 25.64
C LYS B 143 5.31 -16.74 24.38
N GLN B 144 5.33 -15.81 23.43
CA GLN B 144 4.69 -16.07 22.14
C GLN B 144 5.61 -16.73 21.11
N GLY B 145 6.75 -17.26 21.59
CA GLY B 145 7.76 -17.87 20.72
C GLY B 145 8.38 -16.92 19.68
N ILE B 146 8.48 -15.64 20.00
CA ILE B 146 9.21 -14.75 19.13
C ILE B 146 10.63 -14.53 19.60
N LYS B 147 11.53 -14.64 18.63
CA LYS B 147 12.96 -14.49 18.79
C LYS B 147 13.40 -13.06 18.50
N LEU B 148 12.70 -12.36 17.60
CA LEU B 148 13.11 -11.03 17.14
C LEU B 148 12.42 -9.90 17.83
N LEU B 149 13.19 -9.12 18.56
CA LEU B 149 12.67 -8.01 19.30
C LEU B 149 13.25 -6.77 18.76
N ARG B 150 12.45 -5.73 18.69
CA ARG B 150 12.91 -4.49 18.17
C ARG B 150 12.58 -3.40 19.15
N GLY B 151 13.46 -2.40 19.24
CA GLY B 151 13.28 -1.21 20.11
C GLY B 151 14.06 0.03 19.65
N GLY B 152 13.46 1.19 19.87
CA GLY B 152 13.99 2.43 19.34
C GLY B 152 14.99 3.04 20.25
N ALA B 153 16.24 2.78 19.97
CA ALA B 153 17.28 3.39 20.76
C ALA B 153 17.38 4.82 20.32
N TYR B 154 17.26 5.02 19.02
CA TYR B 154 17.13 6.33 18.41
C TYR B 154 15.80 6.41 17.64
N LYS B 155 15.06 7.52 17.77
CA LYS B 155 13.72 7.64 17.11
C LYS B 155 13.69 8.92 16.28
N PRO B 156 13.53 8.82 14.94
CA PRO B 156 13.60 10.09 14.14
C PRO B 156 12.31 10.86 14.32
N ARG B 157 12.41 12.17 14.47
CA ARG B 157 11.47 12.97 15.28
C ARG B 157 10.86 14.24 14.63
N THR B 158 9.66 14.12 14.10
CA THR B 158 9.08 15.15 13.23
C THR B 158 8.58 16.42 13.95
N SER B 159 8.01 16.29 15.16
CA SER B 159 7.48 17.42 15.94
C SER B 159 8.49 17.92 17.01
N PRO B 160 8.25 19.13 17.60
CA PRO B 160 9.31 19.73 18.41
C PRO B 160 9.38 19.21 19.86
N TYR B 161 8.28 18.59 20.34
CA TYR B 161 8.18 18.00 21.68
C TYR B 161 8.28 16.46 21.48
N ASP B 162 8.82 15.93 20.36
CA ASP B 162 9.04 14.46 20.22
C ASP B 162 10.34 14.07 20.93
N PHE B 163 10.36 12.79 21.31
CA PHE B 163 11.39 12.17 22.11
C PHE B 163 12.33 11.63 21.08
N GLN B 164 13.61 11.95 21.25
CA GLN B 164 14.64 11.61 20.30
C GLN B 164 15.23 10.19 20.48
N GLY B 165 15.10 9.62 21.69
CA GLY B 165 15.68 8.32 22.02
C GLY B 165 16.64 8.44 23.18
N LEU B 166 16.77 7.36 23.95
CA LEU B 166 17.81 7.33 24.95
C LEU B 166 19.20 7.19 24.40
N GLY B 167 19.34 6.81 23.14
CA GLY B 167 20.64 6.71 22.48
C GLY B 167 21.39 5.49 22.96
N VAL B 168 22.63 5.69 23.39
CA VAL B 168 23.47 4.55 23.78
C VAL B 168 22.91 3.79 24.95
N GLU B 169 22.48 4.54 25.96
CA GLU B 169 21.78 3.94 27.11
C GLU B 169 20.70 3.02 26.60
N GLY B 170 20.05 3.43 25.51
CA GLY B 170 19.16 2.56 24.76
C GLY B 170 19.76 1.26 24.27
N LEU B 171 20.85 1.37 23.52
CA LEU B 171 21.54 0.17 23.01
C LEU B 171 21.99 -0.78 24.16
N LYS B 172 22.52 -0.22 25.25
CA LYS B 172 22.92 -0.98 26.43
C LYS B 172 21.75 -1.77 26.89
N ILE B 173 20.64 -1.09 27.12
CA ILE B 173 19.44 -1.78 27.61
C ILE B 173 19.03 -2.95 26.73
N LEU B 174 19.14 -2.75 25.42
CA LEU B 174 18.74 -3.80 24.49
C LEU B 174 19.68 -5.00 24.61
N LYS B 175 20.98 -4.76 24.56
CA LYS B 175 21.98 -5.83 24.77
C LYS B 175 21.72 -6.61 26.05
N ARG B 176 21.35 -5.90 27.10
CA ARG B 176 21.07 -6.52 28.36
C ARG B 176 19.90 -7.48 28.17
N ILE B 177 18.82 -6.95 27.59
CA ILE B 177 17.66 -7.76 27.36
C ILE B 177 18.02 -8.94 26.47
N ALA B 178 18.72 -8.67 25.36
CA ALA B 178 19.11 -9.72 24.39
C ALA B 178 19.68 -10.94 25.13
N ASP B 179 20.63 -10.68 26.03
CA ASP B 179 21.36 -11.70 26.75
C ASP B 179 20.44 -12.39 27.70
N GLU B 180 19.82 -11.59 28.56
CA GLU B 180 18.91 -12.04 29.60
C GLU B 180 17.82 -12.98 29.11
N PHE B 181 17.24 -12.62 27.98
CA PHE B 181 16.06 -13.31 27.50
C PHE B 181 16.36 -14.22 26.32
N ASP B 182 17.62 -14.28 25.87
CA ASP B 182 18.00 -15.06 24.67
C ASP B 182 17.17 -14.58 23.43
N LEU B 183 17.29 -13.27 23.16
CA LEU B 183 16.63 -12.64 22.05
C LEU B 183 17.58 -11.90 21.13
N ALA B 184 17.17 -11.85 19.87
CA ALA B 184 17.83 -11.06 18.87
C ALA B 184 17.14 -9.74 18.93
N VAL B 185 17.93 -8.69 18.94
CA VAL B 185 17.38 -7.44 19.24
C VAL B 185 17.74 -6.45 18.14
N ILE B 186 16.75 -5.68 17.72
CA ILE B 186 16.84 -4.79 16.54
C ILE B 186 16.59 -3.34 16.92
N SER B 187 17.37 -2.43 16.36
CA SER B 187 17.18 -1.01 16.59
C SER B 187 17.65 -0.14 15.43
N GLU B 188 16.96 0.99 15.27
CA GLU B 188 17.30 1.95 14.27
C GLU B 188 18.49 2.68 14.75
N ILE B 189 19.37 2.98 13.81
CA ILE B 189 20.54 3.79 14.00
C ILE B 189 20.46 4.87 12.95
N VAL B 190 20.92 6.06 13.28
CA VAL B 190 20.63 7.29 12.51
C VAL B 190 21.82 8.10 12.00
N THR B 191 23.03 7.68 12.34
CA THR B 191 24.16 8.43 11.88
C THR B 191 25.33 7.48 11.71
N PRO B 192 26.15 7.71 10.69
CA PRO B 192 27.26 6.80 10.45
C PRO B 192 28.12 6.56 11.68
N ALA B 193 28.40 7.61 12.44
CA ALA B 193 29.21 7.45 13.64
C ALA B 193 28.69 6.26 14.47
N ASP B 194 27.37 6.24 14.70
CA ASP B 194 26.78 5.31 15.65
C ASP B 194 26.69 3.92 15.10
N ILE B 195 26.86 3.71 13.80
CA ILE B 195 26.85 2.35 13.25
C ILE B 195 27.84 1.49 13.97
N GLU B 196 29.08 1.92 14.02
CA GLU B 196 30.20 1.19 14.62
C GLU B 196 29.91 0.76 16.05
N ILE B 197 29.42 1.71 16.80
CA ILE B 197 29.14 1.55 18.23
C ILE B 197 28.11 0.46 18.50
N ALA B 198 27.12 0.42 17.64
CA ALA B 198 26.01 -0.46 17.83
C ALA B 198 26.35 -1.91 17.62
N LEU B 199 27.39 -2.20 16.84
CA LEU B 199 27.76 -3.56 16.55
C LEU B 199 27.90 -4.42 17.81
N ASP B 200 28.34 -3.77 18.87
CA ASP B 200 28.51 -4.45 20.13
C ASP B 200 27.19 -4.73 20.86
N TYR B 201 26.15 -3.93 20.64
CA TYR B 201 24.90 -4.08 21.39
C TYR B 201 23.78 -4.83 20.68
N ILE B 202 23.66 -4.69 19.35
CA ILE B 202 22.48 -5.21 18.64
C ILE B 202 22.73 -6.13 17.47
N ASP B 203 21.70 -6.85 17.10
CA ASP B 203 21.79 -7.94 16.16
C ASP B 203 21.38 -7.59 14.76
N VAL B 204 20.59 -6.55 14.62
CA VAL B 204 20.28 -6.04 13.32
C VAL B 204 20.14 -4.55 13.39
N ILE B 205 20.67 -3.88 12.39
CA ILE B 205 20.59 -2.45 12.37
C ILE B 205 19.47 -2.08 11.45
N GLN B 206 18.60 -1.21 11.92
CA GLN B 206 17.56 -0.69 11.10
C GLN B 206 17.90 0.68 10.54
N ILE B 207 17.59 0.91 9.27
CA ILE B 207 17.57 2.24 8.73
C ILE B 207 16.12 2.65 8.56
N GLY B 208 15.75 3.75 9.19
CA GLY B 208 14.40 4.32 9.04
C GLY B 208 14.12 4.89 7.66
N ALA B 209 12.85 5.14 7.42
CA ALA B 209 12.41 5.50 6.10
C ALA B 209 12.95 6.84 5.71
N ARG B 210 13.06 7.72 6.68
CA ARG B 210 13.52 9.08 6.40
C ARG B 210 14.94 9.09 6.01
N ASN B 211 15.65 8.02 6.37
CA ASN B 211 17.01 7.87 5.97
C ASN B 211 17.23 6.96 4.83
N MET B 212 16.20 6.49 4.11
CA MET B 212 16.46 5.63 2.96
C MET B 212 17.44 6.25 1.93
N GLN B 213 17.52 7.58 1.86
CA GLN B 213 18.43 8.19 0.92
C GLN B 213 19.49 8.99 1.60
N ASN B 214 19.68 8.75 2.89
CA ASN B 214 20.90 9.16 3.59
C ASN B 214 22.07 8.25 3.24
N PHE B 215 22.79 8.59 2.17
CA PHE B 215 23.75 7.67 1.53
C PHE B 215 24.95 7.42 2.42
N GLU B 216 25.37 8.46 3.16
CA GLU B 216 26.43 8.41 4.20
C GLU B 216 26.14 7.22 5.08
N LEU B 217 24.94 7.19 5.58
CA LEU B 217 24.58 6.17 6.47
C LEU B 217 24.57 4.80 5.81
N LEU B 218 24.01 4.74 4.62
CA LEU B 218 24.00 3.51 3.87
C LEU B 218 25.39 2.94 3.70
N LYS B 219 26.33 3.78 3.25
CA LYS B 219 27.72 3.36 3.11
C LYS B 219 28.18 2.69 4.41
N ALA B 220 27.98 3.44 5.49
CA ALA B 220 28.48 3.08 6.75
C ALA B 220 28.00 1.68 7.07
N ALA B 221 26.71 1.48 6.88
CA ALA B 221 26.10 0.16 7.03
C ALA B 221 26.54 -0.90 6.00
N GLY B 222 26.84 -0.47 4.80
CA GLY B 222 27.41 -1.34 3.77
C GLY B 222 28.74 -1.94 4.12
N GLN B 223 29.42 -1.32 5.08
CA GLN B 223 30.76 -1.70 5.48
C GLN B 223 30.89 -2.52 6.72
N VAL B 224 29.82 -3.06 7.26
CA VAL B 224 29.97 -3.86 8.49
C VAL B 224 29.47 -5.25 8.25
N ASN B 225 29.81 -6.10 9.21
CA ASN B 225 29.29 -7.42 9.15
C ASN B 225 28.08 -7.47 10.06
N LYS B 226 26.94 -7.00 9.53
CA LYS B 226 25.70 -6.92 10.30
C LYS B 226 24.46 -6.90 9.46
N PRO B 227 23.47 -7.68 9.83
CA PRO B 227 22.25 -7.54 9.10
C PRO B 227 21.67 -6.12 9.19
N ILE B 228 21.15 -5.68 8.06
CA ILE B 228 20.51 -4.39 7.91
C ILE B 228 19.08 -4.55 7.56
N LEU B 229 18.25 -3.71 8.18
CA LEU B 229 16.83 -3.71 7.96
C LEU B 229 16.46 -2.37 7.38
N LEU B 230 16.22 -2.34 6.08
CA LEU B 230 16.14 -1.09 5.36
C LEU B 230 14.70 -0.80 5.07
N LYS B 231 14.21 0.29 5.61
CA LYS B 231 12.83 0.66 5.40
C LYS B 231 12.67 1.50 4.17
N ARG B 232 11.57 1.29 3.46
CA ARG B 232 11.32 2.04 2.27
C ARG B 232 10.84 3.47 2.58
N GLY B 233 11.34 4.44 1.83
CA GLY B 233 11.07 5.84 2.08
C GLY B 233 9.62 6.18 1.94
N LEU B 234 9.20 7.17 2.72
CA LEU B 234 7.86 7.81 2.67
C LEU B 234 7.26 7.88 1.31
N ALA B 235 8.05 8.38 0.36
CA ALA B 235 7.61 8.60 -0.99
C ALA B 235 8.57 7.99 -2.02
N ALA B 236 9.14 6.80 -1.73
CA ALA B 236 10.09 6.21 -2.64
C ALA B 236 9.45 5.30 -3.66
N THR B 237 9.78 5.49 -4.92
CA THR B 237 9.49 4.45 -5.90
C THR B 237 10.14 3.15 -5.46
N ILE B 238 9.66 2.07 -5.98
CA ILE B 238 10.39 0.80 -5.84
C ILE B 238 11.80 0.91 -6.46
N GLU B 239 11.92 1.49 -7.68
CA GLU B 239 13.22 1.61 -8.28
C GLU B 239 14.17 2.19 -7.24
N GLU B 240 13.73 3.24 -6.55
CA GLU B 240 14.64 3.95 -5.65
C GLU B 240 15.05 3.15 -4.46
N PHE B 241 14.09 2.38 -3.98
CA PHE B 241 14.28 1.55 -2.84
C PHE B 241 15.28 0.53 -3.16
N ILE B 242 15.11 -0.09 -4.30
CA ILE B 242 16.08 -1.07 -4.76
C ILE B 242 17.48 -0.47 -4.88
N ASN B 243 17.56 0.67 -5.52
CA ASN B 243 18.84 1.35 -5.63
C ASN B 243 19.44 1.63 -4.32
N ALA B 244 18.66 1.99 -3.31
CA ALA B 244 19.29 2.16 -2.03
C ALA B 244 19.84 0.82 -1.53
N ALA B 245 19.11 -0.27 -1.66
CA ALA B 245 19.65 -1.55 -1.22
C ALA B 245 20.92 -1.90 -1.99
N GLU B 246 20.93 -1.68 -3.31
CA GLU B 246 22.07 -2.12 -4.09
C GLU B 246 23.26 -1.35 -3.64
N TYR B 247 23.07 -0.13 -3.15
CA TYR B 247 24.18 0.64 -2.62
C TYR B 247 24.88 -0.07 -1.46
N ILE B 248 24.13 -0.45 -0.44
CA ILE B 248 24.65 -1.20 0.66
C ILE B 248 25.44 -2.42 0.12
N MET B 249 24.81 -3.18 -0.76
CA MET B 249 25.37 -4.45 -1.22
C MET B 249 26.64 -4.24 -1.97
N SER B 250 26.59 -3.25 -2.85
CA SER B 250 27.74 -2.92 -3.69
C SER B 250 28.91 -2.63 -2.84
N GLN B 251 28.69 -2.24 -1.59
CA GLN B 251 29.77 -2.05 -0.60
C GLN B 251 30.11 -3.19 0.35
N GLY B 252 29.63 -4.39 0.07
CA GLY B 252 30.05 -5.60 0.76
C GLY B 252 28.95 -6.29 1.52
N ASN B 253 28.08 -5.52 2.13
CA ASN B 253 27.07 -6.09 2.96
C ASN B 253 25.87 -6.52 2.18
N GLY B 254 25.68 -7.82 2.09
CA GLY B 254 24.55 -8.40 1.43
C GLY B 254 23.51 -8.87 2.39
N GLN B 255 23.69 -8.70 3.69
CA GLN B 255 22.65 -9.08 4.70
C GLN B 255 21.60 -8.01 4.86
N ILE B 256 20.65 -8.02 3.97
CA ILE B 256 19.69 -6.95 3.92
C ILE B 256 18.28 -7.48 3.92
N ILE B 257 17.49 -6.87 4.79
CA ILE B 257 16.12 -7.12 4.83
C ILE B 257 15.42 -5.82 4.47
N LEU B 258 14.49 -5.94 3.54
CA LEU B 258 13.68 -4.81 3.14
C LEU B 258 12.38 -4.83 3.91
N CYS B 259 11.95 -3.64 4.34
CA CYS B 259 10.68 -3.47 4.97
C CYS B 259 9.83 -2.44 4.26
N GLU B 260 8.67 -2.93 3.80
CA GLU B 260 7.57 -2.08 3.40
C GLU B 260 6.83 -1.58 4.62
N ARG B 261 6.41 -0.34 4.62
CA ARG B 261 5.86 0.32 5.79
C ARG B 261 4.85 1.38 5.39
N GLY B 262 4.28 1.21 4.22
CA GLY B 262 3.36 2.19 3.70
C GLY B 262 4.08 3.37 3.07
N ILE B 263 3.27 4.09 2.29
CA ILE B 263 3.69 5.21 1.48
C ILE B 263 2.64 6.31 1.59
N ARG B 264 2.97 7.51 1.16
CA ARG B 264 2.19 8.68 1.54
C ARG B 264 1.26 9.01 0.43
N THR B 265 -0.03 9.15 0.74
CA THR B 265 -1.08 9.33 -0.26
C THR B 265 -2.04 10.32 0.26
N TYR B 266 -3.01 10.65 -0.58
CA TYR B 266 -4.03 11.63 -0.21
C TYR B 266 -4.93 11.05 0.89
N GLU B 267 -4.86 9.75 1.17
CA GLU B 267 -5.86 9.17 2.06
C GLU B 267 -5.69 9.47 3.51
N ARG B 268 -6.68 10.13 4.10
CA ARG B 268 -6.64 10.44 5.54
C ARG B 268 -7.17 9.38 6.53
N ALA B 269 -7.97 8.42 6.10
CA ALA B 269 -8.41 7.31 7.00
C ALA B 269 -7.27 6.49 7.59
N THR B 270 -6.13 6.47 6.90
CA THR B 270 -4.93 5.75 7.28
C THR B 270 -3.78 6.73 7.31
N ARG B 271 -2.85 6.54 8.23
CA ARG B 271 -1.66 7.40 8.34
C ARG B 271 -0.89 7.40 7.01
N ASN B 272 -0.54 6.20 6.56
CA ASN B 272 0.02 5.95 5.23
C ASN B 272 -0.83 4.91 4.63
N THR B 273 -0.56 4.65 3.36
CA THR B 273 -1.31 3.69 2.62
C THR B 273 -0.44 2.48 2.42
N LEU B 274 -0.85 1.34 3.02
CA LEU B 274 -0.03 0.13 2.87
C LEU B 274 -0.04 -0.47 1.46
N ASP B 275 1.15 -0.60 0.90
CA ASP B 275 1.31 -1.08 -0.47
C ASP B 275 1.70 -2.54 -0.49
N ILE B 276 0.75 -3.43 -0.45
CA ILE B 276 1.23 -4.80 -0.40
C ILE B 276 1.79 -5.22 -1.75
N SER B 277 1.35 -4.66 -2.87
CA SER B 277 1.87 -5.00 -4.21
C SER B 277 3.40 -5.05 -4.15
N ALA B 278 4.01 -4.12 -3.42
CA ALA B 278 5.46 -4.11 -3.33
C ALA B 278 6.13 -5.45 -2.95
N VAL B 279 5.52 -6.18 -2.05
CA VAL B 279 6.21 -7.33 -1.53
C VAL B 279 6.58 -8.29 -2.64
N PRO B 280 5.58 -8.89 -3.30
CA PRO B 280 5.97 -9.85 -4.31
C PRO B 280 6.88 -9.26 -5.32
N ILE B 281 6.77 -7.96 -5.57
CA ILE B 281 7.60 -7.38 -6.57
C ILE B 281 9.02 -7.34 -6.09
N LEU B 282 9.22 -6.87 -4.88
CA LEU B 282 10.57 -6.83 -4.34
C LEU B 282 11.14 -8.19 -4.21
N LYS B 283 10.33 -9.15 -3.81
CA LYS B 283 10.80 -10.47 -3.69
C LYS B 283 11.23 -10.97 -5.04
N LYS B 284 10.51 -10.61 -6.07
CA LYS B 284 10.88 -11.12 -7.31
C LYS B 284 12.16 -10.42 -7.79
N GLU B 285 12.25 -9.13 -7.61
CA GLU B 285 13.30 -8.38 -8.32
C GLU B 285 14.64 -8.36 -7.60
N THR B 286 14.60 -8.55 -6.32
CA THR B 286 15.82 -8.70 -5.55
C THR B 286 15.49 -10.01 -5.01
N HIS B 287 16.42 -10.66 -4.41
CA HIS B 287 16.02 -11.90 -3.82
C HIS B 287 16.30 -11.77 -2.32
N LEU B 288 16.00 -10.57 -1.83
CA LEU B 288 16.12 -10.29 -0.43
C LEU B 288 14.83 -10.59 0.24
N PRO B 289 14.90 -10.94 1.50
CA PRO B 289 13.66 -11.04 2.22
C PRO B 289 13.04 -9.69 2.42
N VAL B 290 11.73 -9.71 2.61
CA VAL B 290 10.90 -8.50 2.71
C VAL B 290 9.88 -8.63 3.80
N PHE B 291 9.79 -7.62 4.59
CA PHE B 291 8.95 -7.60 5.74
C PHE B 291 7.96 -6.53 5.54
N VAL B 292 6.94 -6.58 6.39
CA VAL B 292 5.96 -5.52 6.42
C VAL B 292 5.75 -5.05 7.82
N ASP B 293 5.64 -3.74 7.95
CA ASP B 293 5.42 -3.08 9.23
C ASP B 293 3.98 -2.69 9.20
N VAL B 294 3.17 -3.47 9.87
CA VAL B 294 1.79 -3.17 9.88
C VAL B 294 1.43 -1.99 10.78
N THR B 295 2.28 -1.72 11.78
CA THR B 295 1.94 -0.66 12.73
C THR B 295 2.10 0.75 12.02
N HIS B 296 3.27 1.06 11.50
CA HIS B 296 3.53 2.32 10.86
C HIS B 296 2.88 2.59 9.50
N SER B 297 2.55 1.54 8.76
CA SER B 297 1.81 1.72 7.50
C SER B 297 0.36 2.21 7.72
N THR B 298 -0.45 1.39 8.36
CA THR B 298 -1.85 1.76 8.70
C THR B 298 -1.95 2.88 9.74
N GLY B 299 -1.11 2.78 10.75
CA GLY B 299 -1.23 3.68 11.86
C GLY B 299 -2.51 3.43 12.65
N ARG B 300 -3.01 2.19 12.70
CA ARG B 300 -4.30 1.90 13.31
C ARG B 300 -4.36 0.53 13.94
N ARG B 301 -4.63 0.54 15.26
CA ARG B 301 -4.74 -0.70 16.03
C ARG B 301 -5.74 -1.70 15.40
N ASP B 302 -6.86 -1.16 14.95
CA ASP B 302 -7.92 -2.00 14.36
C ASP B 302 -7.53 -2.74 13.06
N LEU B 303 -6.49 -2.25 12.37
CA LEU B 303 -6.08 -2.86 11.11
C LEU B 303 -4.90 -3.78 11.24
N LEU B 304 -4.32 -3.84 12.43
CA LEU B 304 -3.09 -4.53 12.58
C LEU B 304 -3.28 -5.95 12.18
N ILE B 305 -4.32 -6.59 12.67
CA ILE B 305 -4.48 -8.02 12.45
C ILE B 305 -4.75 -8.29 10.99
N PRO B 306 -5.78 -7.65 10.41
CA PRO B 306 -6.08 -7.91 9.03
C PRO B 306 -4.87 -7.75 8.17
N CYS B 307 -4.20 -6.65 8.32
CA CYS B 307 -3.07 -6.38 7.49
C CYS B 307 -1.92 -7.38 7.67
N ALA B 308 -1.77 -7.90 8.86
CA ALA B 308 -0.77 -8.92 9.06
C ALA B 308 -1.03 -10.20 8.21
N LYS B 309 -2.25 -10.66 8.31
CA LYS B 309 -2.74 -11.74 7.47
C LYS B 309 -2.50 -11.49 6.00
N ALA B 310 -2.89 -10.32 5.59
CA ALA B 310 -2.71 -9.97 4.19
C ALA B 310 -1.25 -10.15 3.84
N ALA B 311 -0.42 -9.55 4.67
CA ALA B 311 0.95 -9.58 4.46
C ALA B 311 1.48 -11.00 4.46
N LEU B 312 0.97 -11.86 5.31
CA LEU B 312 1.46 -13.23 5.30
C LEU B 312 1.05 -13.93 4.03
N ALA B 313 -0.21 -13.79 3.70
CA ALA B 313 -0.78 -14.41 2.53
C ALA B 313 -0.02 -14.11 1.25
N ILE B 314 0.32 -12.83 1.12
CA ILE B 314 0.92 -12.38 -0.10
C ILE B 314 2.33 -12.91 -0.20
N GLY B 315 2.87 -13.41 0.91
CA GLY B 315 4.14 -14.10 0.94
C GLY B 315 5.27 -13.25 1.50
N ALA B 316 4.95 -12.28 2.35
CA ALA B 316 6.00 -11.57 3.07
C ALA B 316 6.84 -12.57 3.87
N ASP B 317 8.12 -12.24 4.05
CA ASP B 317 8.98 -13.10 4.86
C ASP B 317 8.76 -12.86 6.33
N GLY B 318 8.07 -11.79 6.68
CA GLY B 318 7.77 -11.47 8.04
C GLY B 318 6.98 -10.19 8.25
N VAL B 319 6.50 -10.04 9.47
CA VAL B 319 5.62 -8.97 9.81
C VAL B 319 6.19 -8.37 11.02
N MET B 320 6.10 -7.08 11.09
CA MET B 320 6.69 -6.40 12.18
C MET B 320 5.63 -5.52 12.79
N ALA B 321 5.53 -5.55 14.09
CA ALA B 321 4.61 -4.66 14.80
C ALA B 321 5.08 -4.28 16.21
N GLU B 322 4.31 -3.39 16.81
CA GLU B 322 4.77 -2.70 17.98
C GLU B 322 3.92 -2.99 19.15
N VAL B 323 4.61 -3.27 20.25
CA VAL B 323 3.98 -3.70 21.49
C VAL B 323 4.61 -2.93 22.60
N HIS B 324 3.80 -2.58 23.59
CA HIS B 324 4.28 -1.74 24.67
C HIS B 324 3.27 -1.96 25.81
N PRO B 325 3.74 -2.14 27.04
CA PRO B 325 2.90 -2.53 28.19
C PRO B 325 1.80 -1.56 28.62
N ASP B 326 1.98 -0.26 28.40
CA ASP B 326 0.92 0.75 28.50
C ASP B 326 1.01 1.81 27.41
N PRO B 327 0.47 1.49 26.21
CA PRO B 327 0.66 2.43 25.10
C PRO B 327 0.07 3.79 25.34
N ALA B 328 -0.98 3.91 26.12
CA ALA B 328 -1.54 5.26 26.29
C ALA B 328 -0.50 6.23 26.83
N VAL B 329 0.47 5.77 27.61
CA VAL B 329 1.45 6.66 28.15
C VAL B 329 2.81 6.52 27.46
N ALA B 330 2.92 5.73 26.41
CA ALA B 330 4.21 5.62 25.80
C ALA B 330 4.68 6.98 25.34
N LEU B 331 5.95 7.07 25.06
CA LEU B 331 6.54 8.27 24.51
C LEU B 331 6.56 8.40 22.98
N SER B 332 5.91 7.50 22.27
CA SER B 332 5.81 7.57 20.81
C SER B 332 4.70 6.61 20.47
N ASP B 333 3.91 6.92 19.45
CA ASP B 333 2.89 6.01 18.96
C ASP B 333 1.90 5.52 19.99
N SER B 334 1.49 6.39 20.89
CA SER B 334 0.45 6.05 21.89
C SER B 334 -0.83 5.32 21.43
N ALA B 335 -1.30 5.74 20.27
CA ALA B 335 -2.50 5.20 19.69
C ALA B 335 -2.31 3.93 18.80
N GLN B 336 -1.06 3.64 18.41
CA GLN B 336 -0.71 2.59 17.45
C GLN B 336 -0.24 1.27 18.08
N GLN B 337 0.33 1.35 19.26
CA GLN B 337 0.97 0.19 19.80
C GLN B 337 -0.07 -0.73 20.46
N MET B 338 0.23 -2.02 20.43
CA MET B 338 -0.55 -3.00 21.16
C MET B 338 -0.08 -3.10 22.58
N ASP B 339 -1.04 -3.12 23.48
CA ASP B 339 -0.72 -3.54 24.83
C ASP B 339 -0.56 -5.07 24.78
N ILE B 340 -0.25 -5.65 25.91
CA ILE B 340 0.20 -7.01 25.92
C ILE B 340 -1.02 -7.92 25.65
N ALA B 341 -2.19 -7.57 26.20
CA ALA B 341 -3.45 -8.24 25.85
C ALA B 341 -3.71 -8.21 24.37
N GLN B 342 -3.58 -7.03 23.83
CA GLN B 342 -3.89 -6.84 22.42
C GLN B 342 -2.93 -7.68 21.59
N PHE B 343 -1.69 -7.72 22.03
CA PHE B 343 -0.67 -8.49 21.40
C PHE B 343 -0.90 -10.03 21.40
N ASN B 344 -1.36 -10.53 22.54
CA ASN B 344 -1.70 -11.93 22.64
C ASN B 344 -2.88 -12.29 21.76
N GLU B 345 -3.90 -11.42 21.71
CA GLU B 345 -5.06 -11.67 20.84
C GLU B 345 -4.52 -11.74 19.40
N PHE B 346 -3.69 -10.76 19.05
CA PHE B 346 -3.08 -10.62 17.74
C PHE B 346 -2.36 -11.91 17.39
N MET B 347 -1.58 -12.43 18.31
CA MET B 347 -0.79 -13.62 18.00
C MET B 347 -1.66 -14.85 17.81
N GLU B 348 -2.57 -15.14 18.74
CA GLU B 348 -3.59 -16.17 18.56
C GLU B 348 -4.17 -16.17 17.14
N GLU B 349 -4.46 -14.99 16.60
CA GLU B 349 -5.17 -14.91 15.33
C GLU B 349 -4.32 -15.10 14.11
N VAL B 350 -3.07 -14.73 14.15
CA VAL B 350 -2.21 -15.01 13.03
C VAL B 350 -1.53 -16.38 13.26
N ARG B 351 -1.33 -16.80 14.51
CA ARG B 351 -1.03 -18.19 14.85
C ARG B 351 -2.04 -19.01 14.01
N ALA B 352 -3.33 -18.76 14.20
CA ALA B 352 -4.37 -19.43 13.41
C ALA B 352 -4.30 -19.15 11.89
N PHE B 353 -3.47 -18.25 11.42
CA PHE B 353 -2.86 -18.43 10.07
C PHE B 353 -1.77 -19.51 10.17
N GLN B 354 -2.16 -20.73 9.78
CA GLN B 354 -1.69 -21.98 10.45
C GLN B 354 -0.33 -22.57 9.88
#